data_1N4M
#
_entry.id   1N4M
#
_cell.length_a   54.369
_cell.length_b   65.164
_cell.length_c   69.339
_cell.angle_alpha   85.55
_cell.angle_beta   79.48
_cell.angle_gamma   67.16
#
_symmetry.space_group_name_H-M   'P 1'
#
loop_
_entity.id
_entity.type
_entity.pdbx_description
1 polymer 'Retinoblastoma Pocket'
2 polymer 'Transcription factor E2F2'
3 water water
#
loop_
_entity_poly.entity_id
_entity_poly.type
_entity_poly.pdbx_seq_one_letter_code
_entity_poly.pdbx_strand_id
1 'polypeptide(L)'
;NTIQQLMMILNSASDQPSENLISYFNNCTVNPKESILKRVKDIGYIFKEKFAKAVGAGCVAIGSQRYKLGVRLYYRVMES
MLKSEEERLSIQNFSKLLNDNIFHMSLLACALEVVMATYSRSTSQNLDSGTDLSFPWILNVLNLKAFDFYKVIESFIKAE
GNLTREMIKHLERCEHRIMESLAWLSDSPLFDLIKQSKTREGKSTSLSLFYKKVYRLAYLRLNTLCERLLSEHPELEHII
WTLFQHTLQNEYELMRDRHLDQIMMCSMYGICKVKNIDLKFKIIVTAYKDLPHAVQETFKRVLIKEEEYDSIIVFYNSVF
MQRLKTNILQYASTRPPTLSPIPHI
;
A,B
2 'polypeptide(L)' DDYLWGLEAGEGISDLFD C,D,E
#
# COMPACT_ATOMS: atom_id res chain seq x y z
N ASN A 1 -36.42 3.97 -4.67
CA ASN A 1 -36.08 2.73 -5.44
C ASN A 1 -36.19 1.48 -4.55
N THR A 2 -37.42 1.02 -4.34
CA THR A 2 -37.70 -0.15 -3.50
C THR A 2 -36.53 -0.38 -2.55
N ILE A 3 -36.71 0.05 -1.30
CA ILE A 3 -35.67 -0.08 -0.26
C ILE A 3 -34.84 -1.37 -0.36
N GLN A 4 -35.34 -2.36 -1.09
CA GLN A 4 -34.66 -3.63 -1.28
C GLN A 4 -33.84 -3.67 -2.59
N GLN A 5 -34.05 -2.69 -3.47
CA GLN A 5 -33.40 -2.64 -4.78
C GLN A 5 -31.94 -3.09 -4.90
N LEU A 6 -31.01 -2.36 -4.28
CA LEU A 6 -29.60 -2.72 -4.39
C LEU A 6 -29.33 -4.11 -3.83
N MET A 7 -29.88 -4.41 -2.65
CA MET A 7 -29.68 -5.72 -2.04
C MET A 7 -30.25 -6.80 -2.96
N MET A 8 -31.23 -6.42 -3.77
CA MET A 8 -31.85 -7.33 -4.70
C MET A 8 -30.81 -7.58 -5.78
N ILE A 9 -30.28 -6.51 -6.32
CA ILE A 9 -29.27 -6.60 -7.34
C ILE A 9 -28.10 -7.42 -6.82
N LEU A 10 -27.67 -7.14 -5.60
CA LEU A 10 -26.54 -7.85 -5.02
C LEU A 10 -26.82 -9.33 -4.86
N ASN A 11 -27.99 -9.68 -4.33
CA ASN A 11 -28.33 -11.09 -4.16
C ASN A 11 -28.35 -11.85 -5.50
N SER A 12 -28.61 -11.13 -6.58
CA SER A 12 -28.67 -11.74 -7.90
C SER A 12 -27.28 -11.86 -8.52
N ALA A 13 -26.41 -10.93 -8.17
CA ALA A 13 -25.06 -10.87 -8.71
C ALA A 13 -24.17 -12.09 -8.51
N SER A 14 -23.26 -12.26 -9.46
CA SER A 14 -22.28 -13.35 -9.44
C SER A 14 -21.14 -13.01 -8.49
N ASP A 15 -20.51 -14.04 -7.93
CA ASP A 15 -19.39 -13.87 -7.00
C ASP A 15 -18.08 -13.48 -7.67
N GLN A 16 -17.92 -13.89 -8.93
CA GLN A 16 -16.71 -13.58 -9.66
C GLN A 16 -16.87 -12.28 -10.43
N PRO A 17 -15.77 -11.53 -10.60
CA PRO A 17 -15.86 -10.27 -11.33
C PRO A 17 -16.25 -10.51 -12.79
N SER A 18 -17.02 -9.57 -13.32
CA SER A 18 -17.53 -9.64 -14.68
C SER A 18 -16.45 -9.62 -15.74
N GLU A 19 -16.84 -10.09 -16.93
CA GLU A 19 -15.99 -10.12 -18.11
C GLU A 19 -15.41 -8.72 -18.33
N ASN A 20 -16.25 -7.71 -18.18
CA ASN A 20 -15.81 -6.34 -18.36
C ASN A 20 -14.82 -5.81 -17.31
N LEU A 21 -14.97 -6.24 -16.06
CA LEU A 21 -14.05 -5.81 -14.99
C LEU A 21 -12.69 -6.46 -15.26
N ILE A 22 -12.74 -7.74 -15.61
CA ILE A 22 -11.55 -8.53 -15.89
C ILE A 22 -10.80 -7.94 -17.08
N SER A 23 -11.58 -7.33 -17.95
CA SER A 23 -11.08 -6.69 -19.14
C SER A 23 -10.29 -5.45 -18.73
N TYR A 24 -10.74 -4.75 -17.69
CA TYR A 24 -10.03 -3.57 -17.21
C TYR A 24 -8.71 -4.03 -16.61
N PHE A 25 -8.73 -5.18 -15.93
CA PHE A 25 -7.54 -5.72 -15.31
C PHE A 25 -6.51 -6.12 -16.36
N ASN A 26 -6.98 -6.70 -17.46
CA ASN A 26 -6.06 -7.13 -18.50
C ASN A 26 -5.41 -5.98 -19.29
N ASN A 27 -5.98 -4.79 -19.20
CA ASN A 27 -5.42 -3.61 -19.87
C ASN A 27 -4.57 -2.73 -18.94
N CYS A 28 -4.28 -3.23 -17.75
CA CYS A 28 -3.44 -2.50 -16.82
C CYS A 28 -1.99 -2.87 -17.13
N THR A 29 -1.08 -1.94 -16.92
CA THR A 29 0.32 -2.20 -17.13
C THR A 29 0.73 -3.36 -16.21
N VAL A 30 0.25 -3.33 -14.96
CA VAL A 30 0.51 -4.40 -13.98
C VAL A 30 -0.84 -5.08 -13.73
N ASN A 31 -0.96 -6.34 -14.10
CA ASN A 31 -2.21 -7.05 -13.91
C ASN A 31 -2.53 -7.20 -12.40
N PRO A 32 -3.65 -6.59 -11.95
CA PRO A 32 -4.07 -6.64 -10.55
C PRO A 32 -4.98 -7.82 -10.24
N LYS A 33 -5.35 -8.56 -11.27
CA LYS A 33 -6.26 -9.69 -11.13
C LYS A 33 -5.99 -10.54 -9.90
N GLU A 34 -4.82 -11.17 -9.87
CA GLU A 34 -4.47 -12.02 -8.75
C GLU A 34 -4.50 -11.33 -7.40
N SER A 35 -4.06 -10.08 -7.36
CA SER A 35 -4.05 -9.34 -6.10
C SER A 35 -5.45 -9.06 -5.60
N ILE A 36 -6.36 -8.69 -6.50
CA ILE A 36 -7.69 -8.35 -6.04
C ILE A 36 -8.41 -9.61 -5.60
N LEU A 37 -8.23 -10.70 -6.33
CA LEU A 37 -8.88 -11.94 -5.98
C LEU A 37 -8.39 -12.44 -4.64
N LYS A 38 -7.07 -12.44 -4.44
CA LYS A 38 -6.48 -12.90 -3.19
C LYS A 38 -6.86 -12.02 -1.99
N ARG A 39 -6.86 -10.71 -2.20
CA ARG A 39 -7.24 -9.77 -1.16
C ARG A 39 -8.65 -10.09 -0.72
N VAL A 40 -9.52 -10.30 -1.69
CA VAL A 40 -10.92 -10.63 -1.43
C VAL A 40 -11.00 -11.86 -0.53
N LYS A 41 -10.22 -12.88 -0.88
CA LYS A 41 -10.22 -14.11 -0.12
C LYS A 41 -9.58 -13.95 1.27
N ASP A 42 -8.47 -13.21 1.33
CA ASP A 42 -7.76 -13.00 2.58
C ASP A 42 -8.56 -12.17 3.56
N ILE A 43 -9.11 -11.05 3.08
CA ILE A 43 -9.93 -10.16 3.91
C ILE A 43 -11.17 -10.93 4.33
N GLY A 44 -11.48 -11.97 3.56
CA GLY A 44 -12.62 -12.82 3.85
C GLY A 44 -12.39 -13.66 5.10
N TYR A 45 -11.24 -14.29 5.25
CA TYR A 45 -10.99 -15.07 6.46
C TYR A 45 -11.02 -14.09 7.64
N ILE A 46 -10.46 -12.91 7.43
CA ILE A 46 -10.39 -11.92 8.48
C ILE A 46 -11.72 -11.28 8.84
N PHE A 47 -12.52 -10.91 7.84
CA PHE A 47 -13.82 -10.32 8.12
C PHE A 47 -14.71 -11.37 8.76
N LYS A 48 -14.76 -12.55 8.15
CA LYS A 48 -15.58 -13.63 8.67
C LYS A 48 -15.27 -14.06 10.10
N GLU A 49 -14.00 -14.12 10.45
CA GLU A 49 -13.66 -14.54 11.78
C GLU A 49 -13.92 -13.44 12.80
N LYS A 50 -13.63 -12.20 12.44
CA LYS A 50 -13.87 -11.10 13.37
C LYS A 50 -15.37 -10.90 13.54
N PHE A 51 -16.11 -11.04 12.46
CA PHE A 51 -17.54 -10.88 12.51
C PHE A 51 -18.15 -11.95 13.41
N ALA A 52 -17.70 -13.19 13.21
CA ALA A 52 -18.18 -14.34 13.97
C ALA A 52 -17.90 -14.18 15.46
N LYS A 53 -16.78 -13.52 15.78
CA LYS A 53 -16.39 -13.28 17.15
C LYS A 53 -17.16 -12.12 17.73
N ALA A 54 -17.92 -11.45 16.88
CA ALA A 54 -18.73 -10.33 17.32
C ALA A 54 -20.14 -10.80 17.63
N VAL A 55 -20.64 -11.70 16.80
CA VAL A 55 -21.99 -12.23 16.97
C VAL A 55 -22.08 -13.69 17.44
N GLY A 56 -20.99 -14.45 17.36
CA GLY A 56 -21.03 -15.84 17.79
C GLY A 56 -21.04 -16.85 16.67
N ALA A 57 -20.62 -18.08 16.98
CA ALA A 57 -20.55 -19.16 15.98
C ALA A 57 -21.88 -19.61 15.42
N GLY A 58 -22.96 -19.43 16.20
CA GLY A 58 -24.26 -19.83 15.72
C GLY A 58 -24.65 -18.93 14.55
N CYS A 59 -23.97 -17.80 14.44
CA CYS A 59 -24.23 -16.83 13.39
C CYS A 59 -23.12 -16.75 12.34
N VAL A 60 -22.37 -17.83 12.18
CA VAL A 60 -21.28 -17.83 11.20
C VAL A 60 -21.81 -17.58 9.78
N ALA A 61 -22.94 -18.16 9.46
CA ALA A 61 -23.51 -18.00 8.12
C ALA A 61 -23.80 -16.55 7.78
N ILE A 62 -24.15 -15.74 8.77
CA ILE A 62 -24.46 -14.34 8.47
C ILE A 62 -23.22 -13.53 8.11
N GLY A 63 -22.09 -13.84 8.74
CA GLY A 63 -20.86 -13.13 8.41
C GLY A 63 -20.52 -13.41 6.95
N SER A 64 -20.65 -14.66 6.53
CA SER A 64 -20.37 -15.04 5.16
C SER A 64 -21.30 -14.29 4.21
N GLN A 65 -22.55 -14.16 4.60
CA GLN A 65 -23.51 -13.47 3.74
C GLN A 65 -23.25 -11.98 3.66
N ARG A 66 -22.78 -11.39 4.76
CA ARG A 66 -22.49 -9.99 4.76
C ARG A 66 -21.33 -9.87 3.79
N TYR A 67 -20.31 -10.70 4.01
CA TYR A 67 -19.16 -10.66 3.15
C TYR A 67 -19.48 -10.86 1.68
N LYS A 68 -20.26 -11.88 1.36
CA LYS A 68 -20.64 -12.13 -0.03
C LYS A 68 -21.26 -10.92 -0.71
N LEU A 69 -22.28 -10.33 -0.09
CA LEU A 69 -22.91 -9.18 -0.71
C LEU A 69 -21.99 -7.97 -0.80
N GLY A 70 -21.15 -7.81 0.22
CA GLY A 70 -20.21 -6.69 0.23
C GLY A 70 -19.21 -6.78 -0.89
N VAL A 71 -18.74 -8.00 -1.19
CA VAL A 71 -17.78 -8.19 -2.28
C VAL A 71 -18.47 -7.96 -3.63
N ARG A 72 -19.74 -8.34 -3.72
CA ARG A 72 -20.47 -8.15 -4.97
C ARG A 72 -20.64 -6.66 -5.17
N LEU A 73 -20.92 -5.94 -4.09
CA LEU A 73 -21.08 -4.50 -4.14
C LEU A 73 -19.74 -3.89 -4.53
N TYR A 74 -18.68 -4.43 -3.95
CA TYR A 74 -17.32 -3.99 -4.21
C TYR A 74 -17.03 -4.05 -5.73
N TYR A 75 -17.20 -5.21 -6.34
CA TYR A 75 -16.96 -5.35 -7.77
C TYR A 75 -17.88 -4.47 -8.57
N ARG A 76 -19.13 -4.42 -8.17
CA ARG A 76 -20.13 -3.61 -8.84
C ARG A 76 -19.72 -2.14 -8.88
N VAL A 77 -19.39 -1.60 -7.71
CA VAL A 77 -19.01 -0.20 -7.63
C VAL A 77 -17.68 0.02 -8.33
N MET A 78 -16.77 -0.96 -8.20
CA MET A 78 -15.47 -0.83 -8.84
C MET A 78 -15.67 -0.71 -10.35
N GLU A 79 -16.47 -1.61 -10.91
CA GLU A 79 -16.72 -1.54 -12.34
C GLU A 79 -17.37 -0.18 -12.67
N SER A 80 -18.38 0.20 -11.90
CA SER A 80 -19.05 1.47 -12.11
C SER A 80 -18.02 2.61 -12.17
N MET A 81 -17.16 2.67 -11.17
CA MET A 81 -16.13 3.70 -11.09
C MET A 81 -15.19 3.68 -12.29
N LEU A 82 -14.74 2.51 -12.70
CA LEU A 82 -13.83 2.41 -13.82
C LEU A 82 -14.48 2.89 -15.12
N LYS A 83 -15.79 2.70 -15.25
CA LYS A 83 -16.46 3.19 -16.46
C LYS A 83 -16.52 4.70 -16.36
N SER A 84 -16.90 5.21 -15.19
CA SER A 84 -16.99 6.65 -14.99
C SER A 84 -15.66 7.31 -15.22
N GLU A 85 -14.61 6.62 -14.76
CA GLU A 85 -13.26 7.12 -14.91
C GLU A 85 -12.74 7.03 -16.35
N GLU A 86 -13.04 5.92 -17.03
CA GLU A 86 -12.60 5.78 -18.42
C GLU A 86 -13.25 6.91 -19.23
N GLU A 87 -14.53 7.15 -18.97
CA GLU A 87 -15.30 8.19 -19.63
C GLU A 87 -14.79 9.55 -19.22
N ARG A 88 -14.59 9.71 -17.93
CA ARG A 88 -14.13 10.97 -17.40
C ARG A 88 -12.86 11.45 -18.06
N LEU A 89 -11.87 10.57 -18.19
CA LEU A 89 -10.61 10.96 -18.78
C LEU A 89 -10.09 10.06 -19.89
N SER A 90 -11.02 9.43 -20.60
CA SER A 90 -10.73 8.53 -21.71
C SER A 90 -9.33 7.89 -21.70
N ILE A 91 -9.15 6.89 -20.85
CA ILE A 91 -7.83 6.25 -20.78
C ILE A 91 -7.84 4.72 -20.95
N GLN A 92 -8.72 4.00 -20.25
CA GLN A 92 -8.78 2.54 -20.35
C GLN A 92 -7.81 1.66 -19.52
N ASN A 93 -6.63 2.17 -19.18
CA ASN A 93 -5.65 1.39 -18.41
C ASN A 93 -6.06 1.24 -16.92
N PHE A 94 -5.62 2.18 -16.10
CA PHE A 94 -5.92 2.20 -14.68
C PHE A 94 -5.08 1.33 -13.74
N SER A 95 -3.92 0.90 -14.22
CA SER A 95 -3.01 0.08 -13.44
C SER A 95 -2.66 0.78 -12.12
N LYS A 96 -2.45 2.09 -12.20
CA LYS A 96 -2.09 2.86 -11.04
C LYS A 96 -3.15 2.73 -9.92
N LEU A 97 -4.41 2.82 -10.31
CA LEU A 97 -5.51 2.73 -9.37
C LEU A 97 -5.78 1.30 -8.86
N LEU A 98 -5.96 0.38 -9.81
CA LEU A 98 -6.25 -1.01 -9.52
C LEU A 98 -5.16 -1.77 -8.77
N ASN A 99 -3.96 -1.23 -8.74
CA ASN A 99 -2.89 -1.90 -8.02
C ASN A 99 -2.66 -1.24 -6.65
N ASP A 100 -3.52 -0.28 -6.31
CA ASP A 100 -3.42 0.43 -5.03
C ASP A 100 -4.22 -0.31 -3.95
N ASN A 101 -3.50 -1.06 -3.13
CA ASN A 101 -4.11 -1.84 -2.07
C ASN A 101 -5.04 -0.99 -1.20
N ILE A 102 -4.61 0.23 -0.89
CA ILE A 102 -5.40 1.13 -0.04
C ILE A 102 -6.72 1.46 -0.74
N PHE A 103 -6.65 1.75 -2.04
CA PHE A 103 -7.87 2.02 -2.78
C PHE A 103 -8.80 0.84 -2.66
N HIS A 104 -8.28 -0.36 -2.93
CA HIS A 104 -9.09 -1.57 -2.85
C HIS A 104 -9.63 -1.91 -1.46
N MET A 105 -8.90 -1.54 -0.41
CA MET A 105 -9.31 -1.82 0.95
C MET A 105 -10.44 -0.85 1.37
N SER A 106 -10.40 0.34 0.83
CA SER A 106 -11.39 1.37 1.12
C SER A 106 -12.72 1.15 0.37
N LEU A 107 -12.62 0.64 -0.84
CA LEU A 107 -13.81 0.35 -1.64
C LEU A 107 -14.52 -0.81 -0.97
N LEU A 108 -13.72 -1.81 -0.58
CA LEU A 108 -14.25 -3.02 0.06
C LEU A 108 -14.89 -2.66 1.38
N ALA A 109 -14.13 -1.92 2.20
CA ALA A 109 -14.59 -1.51 3.51
C ALA A 109 -15.87 -0.70 3.36
N CYS A 110 -15.87 0.22 2.39
CA CYS A 110 -17.06 1.02 2.17
C CYS A 110 -18.23 0.16 1.72
N ALA A 111 -17.96 -0.84 0.90
CA ALA A 111 -19.02 -1.73 0.41
C ALA A 111 -19.52 -2.58 1.58
N LEU A 112 -18.61 -3.01 2.43
CA LEU A 112 -18.99 -3.83 3.58
C LEU A 112 -19.78 -2.99 4.57
N GLU A 113 -19.53 -1.68 4.58
CA GLU A 113 -20.24 -0.79 5.51
C GLU A 113 -21.68 -0.64 5.07
N VAL A 114 -21.89 -0.60 3.75
CA VAL A 114 -23.23 -0.48 3.21
C VAL A 114 -24.03 -1.74 3.55
N VAL A 115 -23.53 -2.91 3.17
CA VAL A 115 -24.23 -4.14 3.47
C VAL A 115 -24.40 -4.27 4.98
N MET A 116 -23.34 -3.94 5.70
CA MET A 116 -23.37 -4.03 7.16
C MET A 116 -24.46 -3.16 7.76
N ALA A 117 -24.51 -1.90 7.32
CA ALA A 117 -25.46 -0.93 7.85
C ALA A 117 -26.89 -1.19 7.44
N THR A 118 -27.12 -1.68 6.22
CA THR A 118 -28.51 -1.93 5.83
C THR A 118 -29.08 -3.05 6.72
N TYR A 119 -28.24 -4.00 7.13
CA TYR A 119 -28.72 -5.10 7.96
C TYR A 119 -28.37 -4.95 9.43
N SER A 120 -27.91 -3.76 9.78
CA SER A 120 -27.51 -3.37 11.14
C SER A 120 -28.46 -3.88 12.22
N ARG A 121 -29.66 -3.32 12.26
CA ARG A 121 -30.65 -3.72 13.25
C ARG A 121 -30.85 -5.24 13.25
N SER A 122 -30.84 -5.85 12.07
CA SER A 122 -31.02 -7.29 12.01
C SER A 122 -29.84 -8.01 12.65
N THR A 123 -28.64 -7.49 12.40
CA THR A 123 -27.44 -8.06 12.98
C THR A 123 -27.46 -7.77 14.47
N SER A 124 -27.96 -6.59 14.84
CA SER A 124 -28.05 -6.15 16.24
C SER A 124 -28.88 -7.15 17.04
N GLN A 125 -29.77 -7.86 16.34
CA GLN A 125 -30.57 -8.89 16.98
C GLN A 125 -29.44 -9.88 17.25
N ASN A 126 -29.67 -10.89 18.06
CA ASN A 126 -28.57 -11.83 18.34
C ASN A 126 -27.20 -11.11 18.47
N LEU A 127 -27.15 -10.09 19.31
CA LEU A 127 -25.92 -9.31 19.54
C LEU A 127 -26.02 -8.72 20.94
N ASP A 128 -26.75 -7.62 21.05
CA ASP A 128 -27.00 -6.94 22.31
C ASP A 128 -25.84 -6.70 23.29
N SER A 129 -26.11 -5.78 24.22
CA SER A 129 -25.20 -5.36 25.28
C SER A 129 -24.11 -4.40 24.82
N GLY A 130 -22.90 -4.58 25.35
CA GLY A 130 -21.79 -3.71 25.00
C GLY A 130 -20.99 -4.17 23.78
N THR A 131 -21.70 -4.61 22.75
CA THR A 131 -21.05 -5.07 21.55
C THR A 131 -21.90 -4.65 20.37
N ASP A 132 -21.88 -3.35 20.09
CA ASP A 132 -22.66 -2.82 18.98
C ASP A 132 -21.68 -2.09 18.04
N LEU A 133 -21.17 -2.89 17.10
CA LEU A 133 -20.21 -2.49 16.09
C LEU A 133 -20.71 -1.46 15.08
N SER A 134 -20.88 -0.23 15.54
CA SER A 134 -21.35 0.87 14.71
C SER A 134 -20.57 1.02 13.39
N PHE A 135 -19.94 2.17 13.14
CA PHE A 135 -19.22 2.33 11.90
C PHE A 135 -17.73 2.11 11.97
N PRO A 136 -17.02 2.88 12.81
CA PRO A 136 -15.57 2.68 12.87
C PRO A 136 -15.17 1.20 12.96
N TRP A 137 -16.12 0.35 13.33
CA TRP A 137 -15.86 -1.08 13.48
C TRP A 137 -15.19 -1.69 12.25
N ILE A 138 -15.83 -1.54 11.11
CA ILE A 138 -15.33 -2.08 9.88
C ILE A 138 -13.89 -1.63 9.60
N LEU A 139 -13.53 -0.41 10.01
CA LEU A 139 -12.16 0.06 9.82
C LEU A 139 -11.26 -0.75 10.75
N ASN A 140 -11.71 -0.95 11.98
CA ASN A 140 -10.98 -1.71 12.98
C ASN A 140 -10.71 -3.10 12.46
N VAL A 141 -11.65 -3.66 11.71
CA VAL A 141 -11.51 -5.02 11.17
C VAL A 141 -10.49 -5.21 10.03
N LEU A 142 -10.40 -4.21 9.17
CA LEU A 142 -9.49 -4.27 8.03
C LEU A 142 -8.22 -3.49 8.30
N ASN A 143 -7.94 -3.18 9.55
CA ASN A 143 -6.75 -2.41 9.87
C ASN A 143 -6.59 -1.27 8.87
N LEU A 144 -7.70 -0.60 8.58
CA LEU A 144 -7.74 0.52 7.64
C LEU A 144 -8.02 1.85 8.39
N LYS A 145 -7.27 2.89 8.05
CA LYS A 145 -7.43 4.19 8.68
C LYS A 145 -8.61 5.01 8.16
N ALA A 146 -9.25 5.75 9.07
CA ALA A 146 -10.40 6.59 8.75
C ALA A 146 -10.12 7.57 7.62
N PHE A 147 -8.94 8.20 7.63
CA PHE A 147 -8.61 9.18 6.58
C PHE A 147 -8.56 8.53 5.18
N ASP A 148 -8.10 7.28 5.11
CA ASP A 148 -8.05 6.59 3.85
C ASP A 148 -9.46 6.26 3.39
N PHE A 149 -10.23 5.66 4.29
CA PHE A 149 -11.63 5.30 4.05
C PHE A 149 -12.43 6.48 3.53
N TYR A 150 -12.31 7.62 4.19
CA TYR A 150 -13.02 8.81 3.77
C TYR A 150 -12.82 9.13 2.28
N LYS A 151 -11.64 8.83 1.75
CA LYS A 151 -11.36 9.13 0.35
C LYS A 151 -12.23 8.43 -0.72
N VAL A 152 -12.94 7.37 -0.33
CA VAL A 152 -13.79 6.60 -1.24
C VAL A 152 -15.29 6.88 -1.12
N ILE A 153 -15.69 7.59 -0.08
CA ILE A 153 -17.10 7.86 0.19
C ILE A 153 -17.89 8.68 -0.83
N GLU A 154 -17.43 9.86 -1.19
CA GLU A 154 -18.17 10.66 -2.13
C GLU A 154 -18.27 9.93 -3.46
N SER A 155 -17.15 9.37 -3.91
CA SER A 155 -17.08 8.65 -5.17
C SER A 155 -17.95 7.42 -5.14
N PHE A 156 -17.90 6.69 -4.04
CA PHE A 156 -18.66 5.47 -3.90
C PHE A 156 -20.14 5.83 -4.04
N ILE A 157 -20.54 6.92 -3.38
CA ILE A 157 -21.92 7.35 -3.46
C ILE A 157 -22.33 7.75 -4.88
N LYS A 158 -21.50 8.51 -5.57
CA LYS A 158 -21.82 8.91 -6.94
C LYS A 158 -21.75 7.73 -7.91
N ALA A 159 -21.13 6.62 -7.49
CA ALA A 159 -21.00 5.46 -8.37
C ALA A 159 -22.10 4.41 -8.24
N GLU A 160 -22.79 4.41 -7.10
CA GLU A 160 -23.87 3.45 -6.87
C GLU A 160 -25.17 4.23 -6.76
N GLY A 161 -25.84 4.42 -7.90
CA GLY A 161 -27.09 5.19 -7.90
C GLY A 161 -28.29 4.49 -7.29
N ASN A 162 -28.09 3.31 -6.70
CA ASN A 162 -29.18 2.57 -6.10
C ASN A 162 -29.09 2.51 -4.58
N LEU A 163 -28.23 3.35 -4.01
CA LEU A 163 -28.08 3.38 -2.58
C LEU A 163 -29.36 3.96 -2.00
N THR A 164 -29.86 3.35 -0.94
CA THR A 164 -31.07 3.88 -0.32
C THR A 164 -30.73 5.23 0.31
N ARG A 165 -31.74 6.08 0.45
CA ARG A 165 -31.51 7.38 1.07
C ARG A 165 -30.96 7.09 2.46
N GLU A 166 -31.41 5.99 3.02
CA GLU A 166 -30.99 5.57 4.34
C GLU A 166 -29.49 5.17 4.31
N MET A 167 -29.02 4.63 3.18
CA MET A 167 -27.62 4.25 3.07
C MET A 167 -26.76 5.46 2.76
N ILE A 168 -27.30 6.34 1.93
CA ILE A 168 -26.63 7.57 1.55
C ILE A 168 -26.34 8.37 2.82
N LYS A 169 -27.32 8.47 3.71
CA LYS A 169 -27.17 9.22 4.94
C LYS A 169 -26.12 8.65 5.86
N HIS A 170 -26.14 7.33 6.03
CA HIS A 170 -25.18 6.64 6.87
C HIS A 170 -23.76 6.85 6.37
N LEU A 171 -23.56 6.79 5.05
CA LEU A 171 -22.25 6.98 4.48
C LEU A 171 -21.79 8.40 4.74
N GLU A 172 -22.75 9.32 4.63
CA GLU A 172 -22.48 10.74 4.86
C GLU A 172 -22.13 10.97 6.32
N ARG A 173 -22.83 10.29 7.21
CA ARG A 173 -22.55 10.49 8.61
C ARG A 173 -21.18 9.92 8.91
N CYS A 174 -20.85 8.80 8.29
CA CYS A 174 -19.54 8.19 8.50
C CYS A 174 -18.46 9.19 8.19
N GLU A 175 -18.60 9.86 7.06
CA GLU A 175 -17.63 10.86 6.65
C GLU A 175 -17.61 12.01 7.65
N HIS A 176 -18.75 12.35 8.22
CA HIS A 176 -18.77 13.44 9.16
C HIS A 176 -17.98 13.05 10.42
N ARG A 177 -18.17 11.82 10.89
CA ARG A 177 -17.47 11.30 12.07
C ARG A 177 -15.96 11.34 11.90
N ILE A 178 -15.53 11.01 10.68
CA ILE A 178 -14.11 11.02 10.33
C ILE A 178 -13.61 12.45 10.51
N MET A 179 -14.32 13.37 9.88
CA MET A 179 -14.01 14.79 9.93
C MET A 179 -13.97 15.40 11.33
N GLU A 180 -14.83 14.91 12.21
CA GLU A 180 -14.93 15.48 13.53
C GLU A 180 -13.90 14.91 14.52
N SER A 181 -13.37 13.72 14.27
CA SER A 181 -12.36 13.19 15.18
C SER A 181 -11.49 12.06 14.64
N LEU A 182 -12.10 11.05 14.02
CA LEU A 182 -11.35 9.90 13.50
C LEU A 182 -10.14 10.24 12.64
N ALA A 183 -10.28 11.25 11.79
CA ALA A 183 -9.19 11.62 10.92
C ALA A 183 -8.07 12.36 11.63
N TRP A 184 -8.32 12.82 12.86
CA TRP A 184 -7.30 13.55 13.59
C TRP A 184 -6.61 12.74 14.68
N LEU A 185 -6.87 11.44 14.74
CA LEU A 185 -6.20 10.61 15.74
C LEU A 185 -4.73 10.50 15.36
N SER A 186 -3.87 10.33 16.37
CA SER A 186 -2.44 10.24 16.14
C SER A 186 -1.96 9.24 15.10
N ASP A 187 -2.74 8.19 14.86
CA ASP A 187 -2.37 7.16 13.87
C ASP A 187 -2.89 7.56 12.49
N SER A 188 -3.27 8.82 12.34
CA SER A 188 -3.82 9.25 11.06
C SER A 188 -2.83 9.85 10.08
N PRO A 189 -2.77 9.28 8.87
CA PRO A 189 -1.87 9.74 7.80
C PRO A 189 -2.10 11.20 7.45
N LEU A 190 -3.22 11.75 7.92
CA LEU A 190 -3.52 13.14 7.67
C LEU A 190 -2.35 13.98 8.15
N PHE A 191 -1.79 13.64 9.31
CA PHE A 191 -0.67 14.42 9.82
C PHE A 191 0.56 14.34 8.91
N ASP A 192 0.77 13.22 8.24
CA ASP A 192 1.91 13.16 7.34
C ASP A 192 1.59 14.04 6.12
N LEU A 193 0.33 14.04 5.71
CA LEU A 193 -0.07 14.86 4.57
C LEU A 193 0.07 16.35 4.88
N ILE A 194 -0.41 16.76 6.05
CA ILE A 194 -0.33 18.15 6.47
C ILE A 194 1.13 18.61 6.50
N LYS A 195 1.93 17.94 7.31
CA LYS A 195 3.34 18.29 7.42
C LYS A 195 4.05 18.33 6.09
N GLN A 196 3.61 17.48 5.18
CA GLN A 196 4.20 17.41 3.86
C GLN A 196 3.87 18.73 3.17
N SER A 197 2.62 19.16 3.28
CA SER A 197 2.16 20.41 2.66
C SER A 197 2.82 21.65 3.25
N LYS A 198 2.81 21.74 4.58
CA LYS A 198 3.43 22.87 5.28
C LYS A 198 4.87 22.97 4.83
N THR A 199 5.44 21.81 4.48
CA THR A 199 6.81 21.75 4.02
C THR A 199 6.85 22.00 2.51
N ARG A 200 6.81 20.93 1.73
CA ARG A 200 6.88 21.04 0.27
C ARG A 200 5.53 21.22 -0.46
N GLU A 201 5.33 22.44 -0.95
CA GLU A 201 4.12 22.83 -1.68
C GLU A 201 3.66 21.89 -2.80
N GLY A 202 2.44 22.10 -3.27
CA GLY A 202 1.86 21.27 -4.32
C GLY A 202 1.49 19.89 -3.80
N LYS A 203 0.72 19.15 -4.61
CA LYS A 203 0.29 17.79 -4.28
C LYS A 203 -0.88 17.65 -3.28
N SER A 204 -1.24 16.39 -3.02
CA SER A 204 -2.29 15.99 -2.12
C SER A 204 -3.62 16.65 -2.36
N THR A 205 -4.38 16.04 -3.24
CA THR A 205 -5.70 16.54 -3.55
C THR A 205 -6.58 16.11 -2.38
N SER A 206 -6.25 14.95 -1.83
CA SER A 206 -6.99 14.36 -0.70
C SER A 206 -7.00 15.22 0.56
N LEU A 207 -5.94 16.00 0.77
CA LEU A 207 -5.89 16.87 1.94
C LEU A 207 -6.74 18.09 1.63
N SER A 208 -6.55 18.65 0.44
CA SER A 208 -7.32 19.80 0.02
C SER A 208 -8.80 19.48 0.07
N LEU A 209 -9.15 18.29 -0.38
CA LEU A 209 -10.55 17.88 -0.37
C LEU A 209 -11.02 17.64 1.05
N PHE A 210 -10.15 17.07 1.88
CA PHE A 210 -10.49 16.79 3.28
C PHE A 210 -10.91 18.08 3.99
N TYR A 211 -10.05 19.10 3.90
CA TYR A 211 -10.28 20.39 4.53
C TYR A 211 -11.51 21.13 4.03
N LYS A 212 -11.80 21.00 2.75
CA LYS A 212 -12.95 21.63 2.15
C LYS A 212 -14.18 21.12 2.90
N LYS A 213 -14.23 19.81 3.11
CA LYS A 213 -15.34 19.17 3.81
C LYS A 213 -15.34 19.43 5.31
N VAL A 214 -14.17 19.65 5.88
CA VAL A 214 -14.07 19.93 7.30
C VAL A 214 -14.63 21.31 7.58
N TYR A 215 -14.16 22.27 6.80
CA TYR A 215 -14.60 23.64 6.93
C TYR A 215 -16.09 23.73 6.78
N ARG A 216 -16.62 23.11 5.73
CA ARG A 216 -18.06 23.12 5.51
C ARG A 216 -18.82 22.55 6.71
N LEU A 217 -18.40 21.38 7.19
CA LEU A 217 -19.04 20.74 8.33
C LEU A 217 -18.84 21.65 9.56
N ALA A 218 -17.60 22.09 9.74
CA ALA A 218 -17.24 22.97 10.86
C ALA A 218 -18.17 24.17 10.92
N TYR A 219 -18.23 24.93 9.84
CA TYR A 219 -19.07 26.11 9.78
C TYR A 219 -20.53 25.76 10.09
N LEU A 220 -21.05 24.75 9.39
CA LEU A 220 -22.45 24.36 9.61
C LEU A 220 -22.78 24.20 11.09
N ARG A 221 -21.96 23.42 11.79
CA ARG A 221 -22.17 23.20 13.22
C ARG A 221 -22.04 24.53 13.95
N LEU A 222 -20.97 25.27 13.65
CA LEU A 222 -20.76 26.57 14.27
C LEU A 222 -21.99 27.44 14.11
N ASN A 223 -22.45 27.58 12.88
CA ASN A 223 -23.61 28.40 12.59
C ASN A 223 -24.87 28.00 13.34
N THR A 224 -25.04 26.71 13.57
CA THR A 224 -26.19 26.22 14.32
C THR A 224 -26.12 26.71 15.77
N LEU A 225 -24.93 26.64 16.38
CA LEU A 225 -24.75 27.11 17.76
C LEU A 225 -24.92 28.61 17.90
N CYS A 226 -24.58 29.35 16.85
CA CYS A 226 -24.70 30.79 16.88
C CYS A 226 -26.14 31.24 16.75
N GLU A 227 -26.88 30.57 15.88
CA GLU A 227 -28.29 30.90 15.67
C GLU A 227 -29.05 30.74 16.97
N ARG A 228 -28.57 29.81 17.78
CA ARG A 228 -29.22 29.54 19.05
C ARG A 228 -28.75 30.45 20.18
N LEU A 229 -27.44 30.59 20.34
CA LEU A 229 -26.89 31.39 21.42
C LEU A 229 -26.52 32.83 21.09
N LEU A 230 -26.38 33.16 19.81
CA LEU A 230 -25.96 34.51 19.47
C LEU A 230 -26.81 35.26 18.46
N SER A 231 -28.12 35.22 18.67
CA SER A 231 -29.05 35.93 17.82
C SER A 231 -28.87 37.42 18.07
N GLU A 232 -28.63 37.78 19.33
CA GLU A 232 -28.42 39.18 19.70
C GLU A 232 -27.20 39.80 19.03
N HIS A 233 -26.18 38.98 18.75
CA HIS A 233 -24.95 39.47 18.15
C HIS A 233 -24.59 38.71 16.88
N PRO A 234 -25.06 39.18 15.72
CA PRO A 234 -24.81 38.55 14.41
C PRO A 234 -23.39 38.77 13.86
N GLU A 235 -22.74 39.84 14.31
CA GLU A 235 -21.39 40.13 13.85
C GLU A 235 -20.43 39.04 14.31
N LEU A 236 -20.76 38.40 15.43
CA LEU A 236 -19.93 37.33 15.94
C LEU A 236 -20.10 36.22 14.93
N GLU A 237 -19.78 34.99 15.28
CA GLU A 237 -19.88 33.88 14.33
C GLU A 237 -18.87 34.02 13.21
N HIS A 238 -18.99 35.07 12.40
CA HIS A 238 -18.04 35.27 11.30
C HIS A 238 -16.66 35.45 11.93
N ILE A 239 -16.62 36.13 13.06
CA ILE A 239 -15.36 36.34 13.78
C ILE A 239 -14.98 35.00 14.42
N ILE A 240 -15.97 34.35 15.03
CA ILE A 240 -15.75 33.05 15.67
C ILE A 240 -15.31 32.06 14.59
N TRP A 241 -15.93 32.18 13.42
CA TRP A 241 -15.59 31.30 12.31
C TRP A 241 -14.13 31.49 11.90
N THR A 242 -13.67 32.74 11.87
CA THR A 242 -12.31 33.05 11.49
C THR A 242 -11.26 32.41 12.39
N LEU A 243 -11.47 32.49 13.69
CA LEU A 243 -10.55 31.89 14.68
C LEU A 243 -10.57 30.37 14.52
N PHE A 244 -11.78 29.84 14.42
CA PHE A 244 -12.02 28.42 14.27
C PHE A 244 -11.28 27.90 13.01
N GLN A 245 -11.54 28.58 11.90
CA GLN A 245 -10.96 28.25 10.62
C GLN A 245 -9.45 28.40 10.62
N HIS A 246 -8.98 29.47 11.23
CA HIS A 246 -7.55 29.69 11.26
C HIS A 246 -6.85 28.67 12.12
N THR A 247 -7.52 28.25 13.18
CA THR A 247 -6.97 27.28 14.12
C THR A 247 -6.79 25.87 13.54
N LEU A 248 -7.79 25.39 12.80
CA LEU A 248 -7.71 24.04 12.22
C LEU A 248 -6.62 23.96 11.18
N GLN A 249 -6.43 25.06 10.51
CA GLN A 249 -5.46 25.13 9.45
C GLN A 249 -4.04 25.36 9.94
N ASN A 250 -3.86 26.36 10.78
CA ASN A 250 -2.55 26.72 11.28
C ASN A 250 -2.23 26.22 12.68
N GLU A 251 -3.23 25.76 13.40
CA GLU A 251 -3.05 25.26 14.76
C GLU A 251 -3.60 23.84 14.81
N TYR A 252 -3.39 23.10 13.73
CA TYR A 252 -3.92 21.75 13.63
C TYR A 252 -3.45 20.78 14.71
N GLU A 253 -2.31 21.02 15.34
CA GLU A 253 -1.86 20.10 16.40
C GLU A 253 -2.86 20.09 17.56
N LEU A 254 -3.64 21.17 17.66
CA LEU A 254 -4.67 21.28 18.70
C LEU A 254 -5.70 20.19 18.43
N MET A 255 -5.83 19.78 17.17
CA MET A 255 -6.78 18.74 16.77
C MET A 255 -6.31 17.32 16.99
N ARG A 256 -5.00 17.14 17.16
CA ARG A 256 -4.46 15.83 17.37
C ARG A 256 -5.11 15.11 18.56
N ASP A 257 -5.84 14.04 18.24
CA ASP A 257 -6.50 13.24 19.25
C ASP A 257 -7.65 13.98 19.92
N ARG A 258 -8.06 15.07 19.30
CA ARG A 258 -9.15 15.83 19.85
C ARG A 258 -10.33 15.91 18.90
N HIS A 259 -11.35 16.65 19.29
CA HIS A 259 -12.57 16.74 18.52
C HIS A 259 -12.86 18.08 17.85
N LEU A 260 -13.30 18.00 16.61
CA LEU A 260 -13.64 19.18 15.83
C LEU A 260 -14.45 20.13 16.70
N ASP A 261 -15.46 19.57 17.36
CA ASP A 261 -16.37 20.32 18.23
C ASP A 261 -15.72 20.94 19.47
N GLN A 262 -14.62 20.39 19.95
CA GLN A 262 -13.97 20.98 21.11
C GLN A 262 -13.31 22.30 20.69
N ILE A 263 -12.70 22.30 19.52
CA ILE A 263 -12.06 23.50 19.00
C ILE A 263 -13.16 24.50 18.66
N MET A 264 -14.30 23.99 18.21
CA MET A 264 -15.41 24.88 17.88
C MET A 264 -15.96 25.60 19.09
N MET A 265 -16.27 24.82 20.12
CA MET A 265 -16.81 25.41 21.34
C MET A 265 -15.83 26.35 21.99
N CYS A 266 -14.55 26.01 21.94
CA CYS A 266 -13.52 26.86 22.51
C CYS A 266 -13.32 28.11 21.70
N SER A 267 -13.63 28.05 20.40
CA SER A 267 -13.51 29.24 19.55
C SER A 267 -14.62 30.21 19.90
N MET A 268 -15.84 29.69 20.04
CA MET A 268 -16.98 30.53 20.38
C MET A 268 -16.79 31.25 21.70
N TYR A 269 -16.35 30.50 22.71
CA TYR A 269 -16.15 31.08 24.03
C TYR A 269 -15.09 32.15 23.99
N GLY A 270 -13.93 31.80 23.47
CA GLY A 270 -12.82 32.73 23.41
C GLY A 270 -13.18 34.04 22.75
N ILE A 271 -13.81 33.95 21.58
CA ILE A 271 -14.19 35.17 20.87
C ILE A 271 -15.25 35.98 21.63
N CYS A 272 -16.21 35.30 22.23
CA CYS A 272 -17.22 36.03 22.99
C CYS A 272 -16.48 36.67 24.17
N LYS A 273 -15.55 35.92 24.76
CA LYS A 273 -14.80 36.44 25.88
C LYS A 273 -14.14 37.78 25.59
N VAL A 274 -13.40 37.87 24.49
CA VAL A 274 -12.70 39.12 24.17
C VAL A 274 -13.62 40.18 23.64
N LYS A 275 -14.74 39.76 23.09
CA LYS A 275 -15.72 40.71 22.57
C LYS A 275 -16.70 41.14 23.66
N ASN A 276 -16.40 40.75 24.90
CA ASN A 276 -17.21 41.09 26.07
C ASN A 276 -18.67 40.64 25.99
N ILE A 277 -18.88 39.37 25.62
CA ILE A 277 -20.21 38.80 25.55
C ILE A 277 -20.23 37.60 26.49
N ASP A 278 -21.16 37.63 27.44
CA ASP A 278 -21.36 36.57 28.42
C ASP A 278 -20.94 35.19 27.94
N LEU A 279 -21.92 34.41 27.52
CA LEU A 279 -21.73 33.06 27.01
C LEU A 279 -20.86 32.14 27.86
N LYS A 280 -21.46 31.54 28.88
CA LYS A 280 -20.74 30.63 29.76
C LYS A 280 -20.58 29.33 29.01
N PHE A 281 -19.61 28.51 29.40
CA PHE A 281 -19.42 27.23 28.75
C PHE A 281 -20.65 26.38 29.02
N LYS A 282 -21.24 26.64 30.19
CA LYS A 282 -22.43 25.94 30.62
C LYS A 282 -23.52 26.10 29.57
N ILE A 283 -23.64 27.31 29.03
CA ILE A 283 -24.63 27.56 28.00
C ILE A 283 -24.23 26.80 26.74
N ILE A 284 -23.07 27.17 26.19
CA ILE A 284 -22.53 26.54 24.99
C ILE A 284 -22.70 25.03 25.01
N VAL A 285 -22.23 24.42 26.09
CA VAL A 285 -22.30 22.98 26.26
C VAL A 285 -23.72 22.43 26.17
N THR A 286 -24.67 23.21 26.64
CA THR A 286 -26.08 22.81 26.62
C THR A 286 -26.65 22.87 25.20
N ALA A 287 -26.28 23.88 24.43
CA ALA A 287 -26.80 23.97 23.07
C ALA A 287 -26.14 22.92 22.16
N TYR A 288 -24.86 22.69 22.39
CA TYR A 288 -24.10 21.72 21.62
C TYR A 288 -24.84 20.39 21.51
N LYS A 289 -25.53 20.03 22.59
CA LYS A 289 -26.29 18.79 22.66
C LYS A 289 -27.38 18.73 21.62
N ASP A 290 -27.64 19.86 20.96
CA ASP A 290 -28.65 19.88 19.90
C ASP A 290 -28.05 19.48 18.55
N LEU A 291 -26.74 19.27 18.50
CA LEU A 291 -26.05 18.89 17.26
C LEU A 291 -26.09 17.39 16.98
N PRO A 292 -26.27 17.00 15.69
CA PRO A 292 -26.31 15.59 15.29
C PRO A 292 -25.18 14.74 15.87
N HIS A 293 -24.01 15.33 15.95
CA HIS A 293 -22.90 14.59 16.52
C HIS A 293 -23.16 14.48 18.02
N ALA A 294 -22.94 15.60 18.69
CA ALA A 294 -23.11 15.82 20.12
C ALA A 294 -23.31 14.68 21.12
N VAL A 295 -22.25 14.42 21.89
CA VAL A 295 -22.24 13.45 22.97
C VAL A 295 -21.56 14.22 24.11
N GLN A 296 -21.87 13.89 25.36
CA GLN A 296 -21.29 14.61 26.50
C GLN A 296 -19.80 14.35 26.65
N GLU A 297 -19.38 13.13 26.38
CA GLU A 297 -17.97 12.78 26.47
C GLU A 297 -17.09 13.81 25.78
N THR A 298 -17.64 14.44 24.73
CA THR A 298 -16.89 15.42 23.95
C THR A 298 -16.53 16.72 24.69
N PHE A 299 -17.27 17.12 25.70
CA PHE A 299 -16.84 18.32 26.42
C PHE A 299 -16.57 17.92 27.85
N LYS A 300 -16.95 16.68 28.19
CA LYS A 300 -16.69 16.20 29.54
C LYS A 300 -15.30 15.55 29.63
N ARG A 301 -14.86 14.91 28.55
CA ARG A 301 -13.59 14.23 28.54
C ARG A 301 -12.74 14.71 27.37
N VAL A 302 -12.03 15.81 27.58
CA VAL A 302 -11.18 16.42 26.56
C VAL A 302 -9.68 16.16 26.82
N LEU A 303 -8.94 15.82 25.76
CA LEU A 303 -7.51 15.55 25.90
C LEU A 303 -6.78 16.81 26.35
N ILE A 304 -6.04 16.72 27.44
CA ILE A 304 -5.31 17.88 27.92
C ILE A 304 -3.86 17.83 27.49
N LYS A 305 -3.08 16.92 28.06
CA LYS A 305 -1.68 16.80 27.68
C LYS A 305 -1.33 15.34 27.45
N GLU A 306 -0.90 14.67 28.50
CA GLU A 306 -0.56 13.25 28.38
C GLU A 306 -1.92 12.61 28.18
N GLU A 307 -2.04 11.33 28.48
CA GLU A 307 -3.34 10.70 28.35
C GLU A 307 -4.23 11.25 29.48
N GLU A 308 -4.06 12.53 29.78
CA GLU A 308 -4.85 13.20 30.81
C GLU A 308 -6.02 13.91 30.15
N TYR A 309 -7.23 13.56 30.55
CA TYR A 309 -8.42 14.20 30.00
C TYR A 309 -9.16 14.96 31.11
N ASP A 310 -9.87 16.02 30.72
CA ASP A 310 -10.61 16.82 31.67
C ASP A 310 -11.73 17.54 30.94
N SER A 311 -12.43 18.40 31.65
CA SER A 311 -13.53 19.14 31.07
C SER A 311 -13.03 20.04 29.96
N ILE A 312 -13.93 20.37 29.06
CA ILE A 312 -13.56 21.21 27.96
C ILE A 312 -13.09 22.55 28.50
N ILE A 313 -13.50 22.89 29.72
CA ILE A 313 -13.10 24.17 30.32
C ILE A 313 -11.61 24.12 30.68
N VAL A 314 -11.16 22.95 31.11
CA VAL A 314 -9.77 22.78 31.46
C VAL A 314 -8.94 22.87 30.18
N PHE A 315 -9.44 22.24 29.12
CA PHE A 315 -8.76 22.29 27.83
C PHE A 315 -8.67 23.76 27.40
N TYR A 316 -9.78 24.46 27.45
CA TYR A 316 -9.78 25.86 27.05
C TYR A 316 -8.72 26.69 27.79
N ASN A 317 -8.74 26.60 29.11
CA ASN A 317 -7.81 27.37 29.95
C ASN A 317 -6.36 26.93 29.91
N SER A 318 -6.11 25.63 29.93
CA SER A 318 -4.74 25.16 29.98
C SER A 318 -4.06 25.02 28.64
N VAL A 319 -4.82 24.64 27.62
CA VAL A 319 -4.22 24.43 26.31
C VAL A 319 -4.69 25.43 25.26
N PHE A 320 -5.96 25.36 24.91
CA PHE A 320 -6.52 26.23 23.89
C PHE A 320 -6.13 27.70 23.98
N MET A 321 -6.69 28.37 24.99
CA MET A 321 -6.45 29.79 25.21
C MET A 321 -4.96 30.11 25.40
N GLN A 322 -4.24 29.22 26.08
CA GLN A 322 -2.83 29.44 26.31
C GLN A 322 -2.07 29.36 25.00
N ARG A 323 -2.54 28.48 24.13
CA ARG A 323 -1.91 28.29 22.83
C ARG A 323 -2.28 29.45 21.89
N LEU A 324 -3.53 29.90 21.97
CA LEU A 324 -4.05 30.95 21.11
C LEU A 324 -4.28 32.31 21.76
N LYS A 325 -3.81 32.47 22.98
CA LYS A 325 -4.01 33.72 23.70
C LYS A 325 -3.86 34.98 22.85
N THR A 326 -2.69 35.18 22.26
CA THR A 326 -2.48 36.39 21.47
C THR A 326 -3.36 36.50 20.21
N ASN A 327 -3.64 35.38 19.53
CA ASN A 327 -4.49 35.41 18.34
C ASN A 327 -5.89 35.88 18.76
N ILE A 328 -6.41 35.26 19.81
CA ILE A 328 -7.74 35.61 20.30
C ILE A 328 -7.86 37.12 20.54
N LEU A 329 -6.91 37.64 21.30
CA LEU A 329 -6.88 39.07 21.61
C LEU A 329 -6.83 39.97 20.37
N GLN A 330 -6.25 39.48 19.28
CA GLN A 330 -6.16 40.29 18.05
C GLN A 330 -7.53 40.61 17.48
N TYR A 331 -8.51 39.82 17.87
CA TYR A 331 -9.87 40.03 17.41
C TYR A 331 -10.50 41.26 18.06
N ALA A 332 -10.03 41.58 19.26
CA ALA A 332 -10.55 42.73 20.00
C ALA A 332 -9.61 43.91 19.83
N SER A 333 -8.55 43.70 19.04
CA SER A 333 -7.54 44.72 18.78
C SER A 333 -7.96 45.76 17.73
N THR A 334 -7.10 46.78 17.56
CA THR A 334 -7.36 47.85 16.60
C THR A 334 -7.36 47.37 15.14
N ARG A 335 -6.54 46.38 14.83
CA ARG A 335 -6.49 45.83 13.48
C ARG A 335 -6.85 44.35 13.55
N PRO A 336 -8.16 44.06 13.58
CA PRO A 336 -8.72 42.71 13.65
C PRO A 336 -8.30 41.81 12.51
N PRO A 337 -8.06 40.53 12.80
CA PRO A 337 -7.66 39.58 11.77
C PRO A 337 -8.67 39.58 10.64
N THR A 338 -8.18 39.55 9.40
CA THR A 338 -9.06 39.53 8.24
C THR A 338 -10.01 38.33 8.39
N LEU A 339 -11.31 38.59 8.22
CA LEU A 339 -12.30 37.51 8.35
C LEU A 339 -12.15 36.41 7.30
N SER A 340 -12.36 35.17 7.73
CA SER A 340 -12.22 34.04 6.82
C SER A 340 -13.54 33.73 6.11
N PRO A 341 -13.46 33.59 4.77
CA PRO A 341 -14.61 33.30 3.92
C PRO A 341 -15.42 32.14 4.45
N ILE A 342 -16.72 32.33 4.46
CA ILE A 342 -17.61 31.32 4.93
C ILE A 342 -17.74 30.23 3.86
N PRO A 343 -17.52 28.96 4.25
CA PRO A 343 -17.61 27.80 3.35
C PRO A 343 -18.99 27.74 2.68
N HIS A 344 -19.03 27.49 1.38
CA HIS A 344 -20.32 27.47 0.70
C HIS A 344 -20.82 26.22 -0.01
N ILE A 345 -22.08 26.30 -0.44
CA ILE A 345 -22.84 25.27 -1.14
C ILE A 345 -23.03 23.97 -0.36
N ASN B 1 26.90 -17.60 15.44
CA ASN B 1 25.44 -17.74 15.18
C ASN B 1 25.12 -18.91 14.26
N THR B 2 24.61 -20.00 14.86
CA THR B 2 24.26 -21.20 14.12
C THR B 2 22.78 -21.58 14.28
N ILE B 3 22.38 -22.68 13.65
CA ILE B 3 21.00 -23.17 13.69
C ILE B 3 20.33 -22.99 15.06
N GLN B 4 21.07 -23.29 16.12
CA GLN B 4 20.54 -23.17 17.48
C GLN B 4 20.78 -21.82 18.12
N GLN B 5 21.27 -20.86 17.35
CA GLN B 5 21.52 -19.52 17.90
C GLN B 5 20.33 -18.61 17.64
N LEU B 6 19.74 -18.74 16.46
CA LEU B 6 18.59 -17.94 16.12
C LEU B 6 17.38 -18.54 16.82
N MET B 7 17.26 -19.87 16.74
CA MET B 7 16.17 -20.55 17.41
C MET B 7 16.20 -20.04 18.85
N MET B 8 17.39 -19.60 19.27
CA MET B 8 17.62 -19.08 20.62
C MET B 8 17.23 -17.61 20.76
N ILE B 9 18.09 -16.72 20.28
CA ILE B 9 17.87 -15.28 20.37
C ILE B 9 16.41 -14.88 20.24
N LEU B 10 15.66 -15.60 19.41
CA LEU B 10 14.26 -15.34 19.20
C LEU B 10 13.43 -15.60 20.46
N ASN B 11 13.53 -16.82 21.00
CA ASN B 11 12.80 -17.19 22.20
C ASN B 11 13.19 -16.34 23.41
N SER B 12 12.36 -15.33 23.68
CA SER B 12 12.57 -14.44 24.79
C SER B 12 11.19 -13.97 25.29
N ALA B 13 11.16 -13.40 26.50
CA ALA B 13 9.90 -12.94 27.09
C ALA B 13 9.17 -11.87 26.26
N SER B 14 9.82 -11.38 25.20
CA SER B 14 9.22 -10.35 24.36
C SER B 14 8.78 -10.89 22.99
N ASP B 15 7.45 -10.99 22.83
CA ASP B 15 6.85 -11.47 21.59
C ASP B 15 6.32 -10.25 20.86
N GLN B 16 6.12 -9.18 21.64
CA GLN B 16 5.62 -7.92 21.13
C GLN B 16 6.80 -6.95 20.99
N PRO B 17 6.56 -5.79 20.38
CA PRO B 17 7.65 -4.82 20.21
C PRO B 17 8.30 -4.39 21.53
N SER B 18 9.61 -4.21 21.48
CA SER B 18 10.37 -3.81 22.65
C SER B 18 10.04 -2.39 23.03
N GLU B 19 10.38 -2.03 24.26
CA GLU B 19 10.14 -0.69 24.74
C GLU B 19 10.82 0.27 23.78
N ASN B 20 12.02 -0.10 23.37
CA ASN B 20 12.82 0.71 22.47
C ASN B 20 12.24 0.83 21.04
N LEU B 21 11.50 -0.18 20.59
CA LEU B 21 10.89 -0.11 19.28
C LEU B 21 9.71 0.85 19.38
N ILE B 22 8.97 0.69 20.47
CA ILE B 22 7.82 1.53 20.71
C ILE B 22 8.23 3.00 20.83
N SER B 23 9.50 3.24 21.16
CA SER B 23 9.99 4.60 21.27
C SER B 23 10.00 5.22 19.88
N TYR B 24 10.34 4.40 18.88
CA TYR B 24 10.39 4.85 17.50
C TYR B 24 8.98 5.07 16.98
N PHE B 25 8.04 4.27 17.45
CA PHE B 25 6.66 4.39 17.03
C PHE B 25 6.13 5.72 17.50
N ASN B 26 6.35 5.99 18.78
CA ASN B 26 5.88 7.22 19.40
C ASN B 26 6.57 8.50 18.93
N ASN B 27 7.70 8.38 18.22
CA ASN B 27 8.37 9.58 17.69
C ASN B 27 7.82 9.89 16.29
N CYS B 28 7.04 8.96 15.77
CA CYS B 28 6.43 9.08 14.45
C CYS B 28 5.34 10.13 14.33
N THR B 29 5.46 11.01 13.34
CA THR B 29 4.42 12.01 13.13
C THR B 29 3.09 11.27 13.07
N VAL B 30 3.09 10.10 12.46
CA VAL B 30 1.88 9.31 12.37
C VAL B 30 2.21 8.03 13.11
N ASN B 31 1.64 7.89 14.30
CA ASN B 31 1.89 6.71 15.12
C ASN B 31 1.41 5.46 14.39
N PRO B 32 2.32 4.50 14.15
CA PRO B 32 2.00 3.25 13.46
C PRO B 32 1.76 2.08 14.38
N LYS B 33 1.86 2.32 15.69
CA LYS B 33 1.72 1.25 16.66
C LYS B 33 0.55 0.32 16.42
N GLU B 34 -0.66 0.86 16.36
CA GLU B 34 -1.83 0.01 16.15
C GLU B 34 -1.80 -0.71 14.80
N SER B 35 -1.36 -0.03 13.75
CA SER B 35 -1.31 -0.68 12.43
C SER B 35 -0.42 -1.92 12.46
N ILE B 36 0.80 -1.77 12.94
CA ILE B 36 1.71 -2.90 12.96
C ILE B 36 1.23 -4.00 13.93
N LEU B 37 0.67 -3.61 15.07
CA LEU B 37 0.14 -4.58 16.04
C LEU B 37 -1.02 -5.36 15.40
N LYS B 38 -1.97 -4.63 14.83
CA LYS B 38 -3.11 -5.26 14.18
C LYS B 38 -2.68 -6.09 12.98
N ARG B 39 -1.72 -5.57 12.22
CA ARG B 39 -1.22 -6.27 11.03
C ARG B 39 -0.58 -7.58 11.44
N VAL B 40 0.19 -7.59 12.51
CA VAL B 40 0.81 -8.84 12.94
C VAL B 40 -0.30 -9.82 13.29
N LYS B 41 -1.28 -9.32 14.03
CA LYS B 41 -2.43 -10.09 14.48
C LYS B 41 -3.18 -10.69 13.30
N ASP B 42 -3.57 -9.82 12.37
CA ASP B 42 -4.32 -10.25 11.19
C ASP B 42 -3.53 -11.21 10.33
N ILE B 43 -2.25 -10.95 10.15
CA ILE B 43 -1.46 -11.83 9.30
C ILE B 43 -1.32 -13.17 9.98
N GLY B 44 -1.29 -13.12 11.32
CA GLY B 44 -1.19 -14.35 12.06
C GLY B 44 -2.34 -15.26 11.63
N TYR B 45 -3.54 -14.73 11.58
CA TYR B 45 -4.70 -15.51 11.19
C TYR B 45 -4.63 -16.11 9.78
N ILE B 46 -4.18 -15.33 8.81
CA ILE B 46 -4.09 -15.82 7.43
C ILE B 46 -2.97 -16.84 7.29
N PHE B 47 -1.78 -16.50 7.80
CA PHE B 47 -0.67 -17.44 7.70
C PHE B 47 -1.09 -18.74 8.36
N LYS B 48 -1.55 -18.65 9.60
CA LYS B 48 -1.99 -19.83 10.36
C LYS B 48 -2.99 -20.70 9.63
N GLU B 49 -3.90 -20.10 8.87
CA GLU B 49 -4.87 -20.91 8.16
C GLU B 49 -4.35 -21.40 6.80
N LYS B 50 -3.55 -20.58 6.11
CA LYS B 50 -3.00 -20.99 4.82
C LYS B 50 -2.04 -22.16 5.04
N PHE B 51 -1.28 -22.08 6.13
CA PHE B 51 -0.32 -23.11 6.52
C PHE B 51 -1.00 -24.46 6.70
N ALA B 52 -1.94 -24.51 7.63
CA ALA B 52 -2.69 -25.72 7.90
C ALA B 52 -3.38 -26.14 6.61
N LYS B 53 -4.31 -25.30 6.14
CA LYS B 53 -5.05 -25.58 4.91
C LYS B 53 -4.16 -25.41 3.69
N ALA B 54 -3.04 -26.13 3.71
CA ALA B 54 -2.05 -26.15 2.65
C ALA B 54 -0.83 -26.85 3.23
N VAL B 55 -1.07 -28.09 3.65
CA VAL B 55 -0.06 -28.96 4.25
C VAL B 55 -0.03 -28.81 5.78
N GLY B 56 -1.10 -29.24 6.43
CA GLY B 56 -1.15 -29.14 7.87
C GLY B 56 -2.51 -29.22 8.54
N ALA B 57 -3.40 -30.07 8.05
CA ALA B 57 -4.73 -30.23 8.62
C ALA B 57 -4.64 -31.02 9.92
N GLY B 58 -4.64 -30.33 11.06
CA GLY B 58 -4.56 -31.01 12.33
C GLY B 58 -3.38 -30.54 13.16
N CYS B 59 -2.42 -29.89 12.49
CA CYS B 59 -1.23 -29.36 13.14
C CYS B 59 -1.43 -27.85 13.29
N VAL B 60 -2.68 -27.43 13.22
CA VAL B 60 -3.06 -26.02 13.33
C VAL B 60 -2.22 -25.23 14.33
N ALA B 61 -1.70 -25.90 15.35
CA ALA B 61 -0.89 -25.25 16.36
C ALA B 61 0.55 -25.03 15.90
N ILE B 62 1.02 -25.89 14.99
CA ILE B 62 2.38 -25.79 14.48
C ILE B 62 2.68 -24.49 13.73
N GLY B 63 1.81 -24.12 12.79
CA GLY B 63 2.03 -22.91 12.03
C GLY B 63 2.05 -21.70 12.94
N SER B 64 1.33 -21.80 14.05
CA SER B 64 1.23 -20.72 15.02
C SER B 64 2.62 -20.47 15.62
N GLN B 65 3.27 -21.54 16.05
CA GLN B 65 4.59 -21.43 16.63
C GLN B 65 5.59 -20.97 15.58
N ARG B 66 5.41 -21.43 14.34
CA ARG B 66 6.31 -20.99 13.28
C ARG B 66 6.08 -19.49 13.13
N TYR B 67 4.81 -19.09 13.03
CA TYR B 67 4.47 -17.68 12.88
C TYR B 67 5.00 -16.83 14.03
N LYS B 68 4.86 -17.35 15.25
CA LYS B 68 5.36 -16.66 16.42
C LYS B 68 6.83 -16.30 16.22
N LEU B 69 7.64 -17.31 15.86
CA LEU B 69 9.09 -17.15 15.63
C LEU B 69 9.36 -16.09 14.55
N GLY B 70 8.59 -16.14 13.48
CA GLY B 70 8.75 -15.16 12.41
C GLY B 70 8.53 -13.75 12.92
N VAL B 71 7.50 -13.56 13.75
CA VAL B 71 7.16 -12.24 14.28
C VAL B 71 8.29 -11.66 15.12
N ARG B 72 8.94 -12.53 15.89
CA ARG B 72 10.05 -12.12 16.72
C ARG B 72 11.19 -11.69 15.83
N LEU B 73 11.51 -12.54 14.87
CA LEU B 73 12.57 -12.20 13.95
C LEU B 73 12.25 -10.82 13.36
N TYR B 74 10.97 -10.61 13.06
CA TYR B 74 10.46 -9.37 12.47
C TYR B 74 10.69 -8.14 13.35
N TYR B 75 10.31 -8.22 14.62
CA TYR B 75 10.53 -7.08 15.53
C TYR B 75 12.02 -6.83 15.77
N ARG B 76 12.80 -7.92 15.83
CA ARG B 76 14.23 -7.81 16.05
C ARG B 76 14.89 -7.11 14.88
N VAL B 77 14.67 -7.63 13.68
CA VAL B 77 15.25 -7.01 12.49
C VAL B 77 14.78 -5.56 12.32
N MET B 78 13.49 -5.33 12.57
CA MET B 78 12.92 -4.00 12.45
C MET B 78 13.64 -3.04 13.38
N GLU B 79 13.88 -3.48 14.62
CA GLU B 79 14.56 -2.62 15.58
C GLU B 79 15.97 -2.24 15.15
N SER B 80 16.79 -3.23 14.79
CA SER B 80 18.15 -2.93 14.33
C SER B 80 18.12 -2.06 13.08
N MET B 81 17.24 -2.42 12.14
CA MET B 81 17.09 -1.65 10.92
C MET B 81 16.87 -0.17 11.26
N LEU B 82 16.09 0.09 12.30
CA LEU B 82 15.79 1.46 12.76
C LEU B 82 16.99 2.09 13.48
N LYS B 83 17.71 1.31 14.27
CA LYS B 83 18.88 1.82 14.95
C LYS B 83 19.91 2.17 13.87
N SER B 84 20.07 1.27 12.91
CA SER B 84 21.01 1.48 11.81
C SER B 84 20.62 2.73 11.04
N GLU B 85 19.35 2.78 10.65
CA GLU B 85 18.85 3.90 9.86
C GLU B 85 18.94 5.21 10.61
N GLU B 86 18.84 5.17 11.92
CA GLU B 86 18.95 6.39 12.69
C GLU B 86 20.37 6.94 12.64
N GLU B 87 21.36 6.04 12.72
CA GLU B 87 22.76 6.46 12.68
C GLU B 87 23.12 6.94 11.28
N ARG B 88 22.52 6.30 10.28
CA ARG B 88 22.77 6.63 8.90
C ARG B 88 22.17 7.95 8.45
N LEU B 89 21.02 8.31 9.00
CA LEU B 89 20.34 9.56 8.62
C LEU B 89 20.20 10.59 9.76
N SER B 90 20.58 10.17 10.97
CA SER B 90 20.51 11.02 12.15
C SER B 90 19.14 11.65 12.43
N ILE B 91 18.10 10.84 12.33
CA ILE B 91 16.74 11.30 12.58
C ILE B 91 16.04 10.26 13.43
N GLN B 92 15.07 10.69 14.23
CA GLN B 92 14.29 9.79 15.08
C GLN B 92 12.87 9.57 14.55
N ASN B 93 12.44 10.42 13.62
CA ASN B 93 11.09 10.34 13.05
C ASN B 93 11.04 9.49 11.78
N PHE B 94 10.69 8.21 11.92
CA PHE B 94 10.61 7.29 10.79
C PHE B 94 9.18 6.90 10.46
N SER B 95 8.25 7.84 10.55
CA SER B 95 6.86 7.48 10.30
C SER B 95 6.55 7.12 8.85
N LYS B 96 7.26 7.73 7.90
CA LYS B 96 7.00 7.41 6.50
C LYS B 96 7.29 5.93 6.21
N LEU B 97 8.33 5.41 6.85
CA LEU B 97 8.74 4.01 6.70
C LEU B 97 7.85 3.07 7.52
N LEU B 98 7.75 3.35 8.83
CA LEU B 98 6.97 2.52 9.74
C LEU B 98 5.48 2.50 9.45
N ASN B 99 4.99 3.41 8.60
CA ASN B 99 3.58 3.39 8.24
C ASN B 99 3.41 2.74 6.86
N ASP B 100 4.53 2.35 6.27
CA ASP B 100 4.50 1.72 4.95
C ASP B 100 4.20 0.24 5.07
N ASN B 101 2.95 -0.09 4.78
CA ASN B 101 2.43 -1.43 4.83
C ASN B 101 3.28 -2.45 4.10
N ILE B 102 3.74 -2.10 2.89
CA ILE B 102 4.55 -3.04 2.12
C ILE B 102 5.86 -3.31 2.83
N PHE B 103 6.48 -2.28 3.37
CA PHE B 103 7.72 -2.48 4.10
C PHE B 103 7.45 -3.58 5.10
N HIS B 104 6.47 -3.31 5.96
CA HIS B 104 6.08 -4.25 6.99
C HIS B 104 5.77 -5.62 6.45
N MET B 105 4.95 -5.68 5.41
CA MET B 105 4.60 -6.96 4.79
C MET B 105 5.83 -7.69 4.26
N SER B 106 6.75 -6.94 3.67
CA SER B 106 7.97 -7.51 3.11
C SER B 106 8.88 -8.01 4.21
N LEU B 107 9.13 -7.13 5.17
CA LEU B 107 9.96 -7.47 6.32
C LEU B 107 9.41 -8.75 6.94
N LEU B 108 8.11 -8.74 7.23
CA LEU B 108 7.41 -9.88 7.82
C LEU B 108 7.53 -11.16 6.97
N ALA B 109 7.27 -11.05 5.67
CA ALA B 109 7.38 -12.20 4.78
C ALA B 109 8.78 -12.81 4.85
N CYS B 110 9.78 -11.96 4.94
CA CYS B 110 11.18 -12.36 4.98
C CYS B 110 11.56 -13.14 6.24
N ALA B 111 11.12 -12.65 7.40
CA ALA B 111 11.41 -13.32 8.67
C ALA B 111 10.77 -14.70 8.63
N LEU B 112 9.53 -14.76 8.19
CA LEU B 112 8.81 -16.03 8.07
C LEU B 112 9.51 -16.93 7.06
N GLU B 113 10.14 -16.32 6.07
CA GLU B 113 10.87 -17.09 5.06
C GLU B 113 12.07 -17.74 5.70
N VAL B 114 12.74 -16.99 6.56
CA VAL B 114 13.90 -17.53 7.25
C VAL B 114 13.36 -18.71 8.05
N VAL B 115 12.23 -18.50 8.71
CA VAL B 115 11.62 -19.55 9.53
C VAL B 115 11.11 -20.73 8.70
N MET B 116 10.34 -20.47 7.65
CA MET B 116 9.84 -21.56 6.82
C MET B 116 11.03 -22.33 6.26
N ALA B 117 12.02 -21.61 5.80
CA ALA B 117 13.23 -22.23 5.24
C ALA B 117 14.00 -22.96 6.33
N THR B 118 14.16 -22.33 7.49
CA THR B 118 14.89 -22.96 8.59
C THR B 118 14.23 -24.30 8.93
N TYR B 119 12.96 -24.45 8.57
CA TYR B 119 12.23 -25.68 8.83
C TYR B 119 11.95 -26.40 7.52
N SER B 120 12.66 -25.98 6.47
CA SER B 120 12.54 -26.60 5.16
C SER B 120 13.19 -27.96 5.31
N ARG B 121 13.80 -28.14 6.49
CA ARG B 121 14.46 -29.39 6.84
C ARG B 121 13.83 -29.88 8.15
N SER B 122 12.49 -30.00 8.13
CA SER B 122 11.69 -30.44 9.27
C SER B 122 10.37 -31.09 8.84
N THR B 123 9.37 -30.25 8.61
CA THR B 123 8.05 -30.72 8.21
C THR B 123 7.86 -30.60 6.69
N THR B 131 4.10 -30.52 2.14
CA THR B 131 5.50 -30.49 2.52
C THR B 131 6.31 -29.62 1.54
N ASP B 132 5.62 -29.13 0.51
CA ASP B 132 6.24 -28.26 -0.50
C ASP B 132 5.86 -26.79 -0.30
N LEU B 133 6.58 -26.12 0.61
CA LEU B 133 6.33 -24.72 0.91
C LEU B 133 7.55 -23.93 0.45
N SER B 134 7.87 -24.06 -0.84
CA SER B 134 9.02 -23.38 -1.44
C SER B 134 9.04 -21.88 -1.16
N PHE B 135 10.04 -21.18 -1.67
CA PHE B 135 10.14 -19.75 -1.42
C PHE B 135 8.86 -19.00 -1.76
N PRO B 136 8.51 -18.92 -3.05
CA PRO B 136 7.30 -18.18 -3.41
C PRO B 136 6.13 -18.41 -2.46
N TRP B 137 5.98 -19.62 -1.95
CA TRP B 137 4.87 -19.94 -1.05
C TRP B 137 4.45 -18.80 -0.11
N ILE B 138 5.40 -18.28 0.66
CA ILE B 138 5.13 -17.19 1.59
C ILE B 138 4.55 -15.94 0.91
N LEU B 139 4.99 -15.67 -0.33
CA LEU B 139 4.51 -14.50 -1.05
C LEU B 139 3.04 -14.61 -1.44
N ASN B 140 2.58 -15.83 -1.74
CA ASN B 140 1.20 -16.04 -2.10
C ASN B 140 0.34 -16.03 -0.86
N VAL B 141 0.88 -16.57 0.23
CA VAL B 141 0.19 -16.54 1.50
C VAL B 141 -0.12 -15.07 1.83
N LEU B 142 0.88 -14.21 1.69
CA LEU B 142 0.75 -12.79 2.01
C LEU B 142 0.29 -11.87 0.87
N ASN B 143 0.04 -12.44 -0.30
CA ASN B 143 -0.40 -11.67 -1.46
C ASN B 143 0.60 -10.53 -1.68
N LEU B 144 1.87 -10.87 -1.48
CA LEU B 144 2.98 -9.94 -1.64
C LEU B 144 3.57 -10.18 -3.03
N LYS B 145 3.93 -9.12 -3.73
CA LYS B 145 4.55 -9.28 -5.05
C LYS B 145 6.07 -9.49 -4.84
N ALA B 146 6.63 -10.47 -5.54
CA ALA B 146 8.05 -10.78 -5.46
C ALA B 146 8.89 -9.49 -5.44
N PHE B 147 8.57 -8.56 -6.32
CA PHE B 147 9.31 -7.31 -6.40
C PHE B 147 9.32 -6.49 -5.12
N ASP B 148 8.21 -6.50 -4.40
CA ASP B 148 8.17 -5.73 -3.16
C ASP B 148 9.05 -6.45 -2.14
N PHE B 149 8.89 -7.76 -2.08
CA PHE B 149 9.67 -8.58 -1.17
C PHE B 149 11.17 -8.32 -1.36
N TYR B 150 11.66 -8.55 -2.57
CA TYR B 150 13.09 -8.36 -2.85
C TYR B 150 13.68 -7.09 -2.19
N LYS B 151 12.92 -5.98 -2.18
CA LYS B 151 13.42 -4.72 -1.62
C LYS B 151 13.89 -4.77 -0.16
N VAL B 152 13.58 -5.87 0.53
CA VAL B 152 13.94 -6.01 1.93
C VAL B 152 15.12 -6.94 2.21
N ILE B 153 15.32 -7.93 1.35
CA ILE B 153 16.37 -8.93 1.51
C ILE B 153 17.77 -8.51 1.92
N GLU B 154 18.39 -7.65 1.12
CA GLU B 154 19.74 -7.21 1.42
C GLU B 154 19.76 -6.57 2.79
N SER B 155 18.85 -5.63 3.00
CA SER B 155 18.74 -4.89 4.26
C SER B 155 18.39 -5.80 5.43
N PHE B 156 17.64 -6.85 5.15
CA PHE B 156 17.24 -7.79 6.18
C PHE B 156 18.42 -8.69 6.52
N ILE B 157 19.16 -9.12 5.49
CA ILE B 157 20.32 -9.96 5.73
C ILE B 157 21.37 -9.20 6.52
N LYS B 158 21.60 -7.94 6.14
CA LYS B 158 22.58 -7.14 6.84
C LYS B 158 22.13 -6.60 8.20
N ALA B 159 20.86 -6.76 8.54
CA ALA B 159 20.37 -6.27 9.82
C ALA B 159 20.34 -7.42 10.84
N GLU B 160 20.56 -8.65 10.36
CA GLU B 160 20.60 -9.82 11.23
C GLU B 160 21.90 -10.59 11.01
N GLY B 161 22.93 -10.13 11.70
CA GLY B 161 24.26 -10.72 11.62
C GLY B 161 24.37 -12.11 12.18
N ASN B 162 23.29 -12.61 12.79
CA ASN B 162 23.34 -13.95 13.35
C ASN B 162 22.73 -14.97 12.44
N LEU B 163 22.35 -14.54 11.24
CA LEU B 163 21.80 -15.46 10.28
C LEU B 163 22.89 -16.48 9.99
N THR B 164 22.49 -17.69 9.63
CA THR B 164 23.47 -18.71 9.31
C THR B 164 23.78 -18.61 7.80
N ARG B 165 24.96 -19.08 7.41
CA ARG B 165 25.37 -19.06 6.03
C ARG B 165 24.32 -19.78 5.20
N GLU B 166 23.91 -20.95 5.69
CA GLU B 166 22.91 -21.78 5.02
C GLU B 166 21.65 -20.93 4.78
N MET B 167 21.35 -20.05 5.73
CA MET B 167 20.18 -19.20 5.63
C MET B 167 20.39 -17.97 4.75
N ILE B 168 21.57 -17.35 4.85
CA ILE B 168 21.88 -16.18 4.05
C ILE B 168 21.85 -16.61 2.58
N LYS B 169 22.32 -17.82 2.33
CA LYS B 169 22.35 -18.36 0.99
C LYS B 169 20.94 -18.52 0.48
N HIS B 170 20.06 -19.02 1.31
CA HIS B 170 18.70 -19.18 0.86
C HIS B 170 18.07 -17.85 0.48
N LEU B 171 18.24 -16.84 1.32
CA LEU B 171 17.65 -15.55 1.00
C LEU B 171 18.31 -15.01 -0.27
N GLU B 172 19.60 -15.30 -0.45
CA GLU B 172 20.31 -14.84 -1.64
C GLU B 172 19.69 -15.44 -2.88
N ARG B 173 19.40 -16.73 -2.80
CA ARG B 173 18.81 -17.44 -3.90
C ARG B 173 17.42 -16.89 -4.22
N CYS B 174 16.59 -16.76 -3.19
CA CYS B 174 15.24 -16.24 -3.36
C CYS B 174 15.34 -14.97 -4.18
N GLU B 175 16.22 -14.08 -3.75
CA GLU B 175 16.44 -12.81 -4.40
C GLU B 175 16.83 -12.97 -5.86
N HIS B 176 17.65 -13.98 -6.19
CA HIS B 176 18.03 -14.18 -7.58
C HIS B 176 16.84 -14.70 -8.38
N ARG B 177 16.04 -15.60 -7.79
CA ARG B 177 14.86 -16.09 -8.47
C ARG B 177 13.96 -14.89 -8.84
N ILE B 178 13.80 -13.96 -7.90
CA ILE B 178 12.98 -12.77 -8.15
C ILE B 178 13.58 -11.96 -9.28
N MET B 179 14.91 -11.95 -9.32
CA MET B 179 15.66 -11.22 -10.34
C MET B 179 15.51 -11.85 -11.72
N GLU B 180 15.61 -13.17 -11.76
CA GLU B 180 15.53 -13.87 -13.03
C GLU B 180 14.14 -13.92 -13.66
N SER B 181 13.08 -14.00 -12.86
CA SER B 181 11.75 -14.06 -13.46
C SER B 181 10.55 -13.58 -12.64
N LEU B 182 10.52 -13.90 -11.36
CA LEU B 182 9.36 -13.52 -10.53
C LEU B 182 8.99 -12.04 -10.60
N ALA B 183 9.98 -11.16 -10.60
CA ALA B 183 9.69 -9.72 -10.65
C ALA B 183 9.32 -9.22 -12.04
N TRP B 184 9.42 -10.11 -13.04
CA TRP B 184 9.11 -9.74 -14.42
C TRP B 184 7.74 -10.21 -14.89
N LEU B 185 7.01 -10.85 -13.97
CA LEU B 185 5.64 -11.32 -14.21
C LEU B 185 4.74 -10.12 -14.47
N SER B 186 3.67 -10.34 -15.23
CA SER B 186 2.73 -9.26 -15.54
C SER B 186 2.10 -8.61 -14.31
N ASP B 187 2.01 -9.35 -13.21
CA ASP B 187 1.41 -8.80 -11.99
C ASP B 187 2.46 -8.05 -11.20
N SER B 188 3.61 -7.83 -11.79
CA SER B 188 4.67 -7.14 -11.08
C SER B 188 4.72 -5.62 -11.19
N PRO B 189 4.74 -4.93 -10.03
CA PRO B 189 4.80 -3.47 -9.94
C PRO B 189 5.98 -2.85 -10.72
N LEU B 190 6.97 -3.68 -11.04
CA LEU B 190 8.15 -3.26 -11.80
C LEU B 190 7.68 -2.50 -13.02
N PHE B 191 6.77 -3.12 -13.75
CA PHE B 191 6.28 -2.52 -14.97
C PHE B 191 5.72 -1.12 -14.84
N ASP B 192 5.00 -0.83 -13.77
CA ASP B 192 4.49 0.54 -13.60
C ASP B 192 5.61 1.46 -13.17
N LEU B 193 6.56 0.88 -12.44
CA LEU B 193 7.74 1.59 -11.95
C LEU B 193 8.56 2.01 -13.18
N ILE B 194 8.68 1.08 -14.12
CA ILE B 194 9.40 1.27 -15.35
C ILE B 194 8.63 2.27 -16.19
N LYS B 195 7.32 2.07 -16.23
CA LYS B 195 6.41 2.95 -16.97
C LYS B 195 6.62 4.41 -16.51
N GLN B 196 6.55 4.65 -15.20
CA GLN B 196 6.73 5.98 -14.67
C GLN B 196 8.08 6.54 -15.08
N SER B 197 9.12 5.75 -14.84
CA SER B 197 10.46 6.19 -15.18
C SER B 197 10.55 6.54 -16.66
N LYS B 198 10.19 5.62 -17.56
CA LYS B 198 10.25 5.90 -18.99
C LYS B 198 9.48 7.17 -19.35
N THR B 199 8.82 7.75 -18.36
CA THR B 199 8.07 8.98 -18.53
C THR B 199 8.71 9.98 -17.59
N ARG B 200 8.18 10.08 -16.36
CA ARG B 200 8.72 10.98 -15.34
C ARG B 200 10.20 10.60 -15.18
N GLU B 201 11.03 11.15 -16.06
CA GLU B 201 12.46 10.87 -16.09
C GLU B 201 13.22 11.16 -14.79
N GLY B 202 14.31 10.41 -14.60
CA GLY B 202 15.16 10.54 -13.42
C GLY B 202 14.49 10.27 -12.08
N LYS B 203 14.04 9.03 -11.86
CA LYS B 203 13.38 8.67 -10.61
C LYS B 203 13.43 7.18 -10.23
N SER B 204 12.68 6.83 -9.18
CA SER B 204 12.57 5.47 -8.65
C SER B 204 13.84 4.81 -8.14
N THR B 205 14.22 5.16 -6.92
CA THR B 205 15.41 4.60 -6.31
C THR B 205 15.38 3.07 -6.25
N SER B 206 14.20 2.48 -6.10
CA SER B 206 14.11 1.02 -6.02
C SER B 206 14.33 0.37 -7.38
N LEU B 207 13.80 1.01 -8.43
CA LEU B 207 13.97 0.48 -9.79
C LEU B 207 15.45 0.39 -10.17
N SER B 208 16.16 1.48 -9.94
CA SER B 208 17.57 1.58 -10.24
C SER B 208 18.37 0.55 -9.45
N LEU B 209 18.04 0.34 -8.17
CA LEU B 209 18.77 -0.65 -7.39
C LEU B 209 18.45 -2.03 -7.93
N PHE B 210 17.20 -2.21 -8.28
CA PHE B 210 16.75 -3.48 -8.84
C PHE B 210 17.50 -3.73 -10.15
N TYR B 211 17.67 -2.69 -10.95
CA TYR B 211 18.36 -2.88 -12.20
C TYR B 211 19.84 -3.15 -12.08
N LYS B 212 20.54 -2.35 -11.26
CA LYS B 212 21.97 -2.55 -11.12
C LYS B 212 22.22 -3.93 -10.56
N LYS B 213 21.20 -4.45 -9.88
CA LYS B 213 21.27 -5.77 -9.30
C LYS B 213 20.96 -6.85 -10.35
N VAL B 214 20.02 -6.56 -11.25
CA VAL B 214 19.69 -7.51 -12.31
C VAL B 214 20.87 -7.65 -13.28
N TYR B 215 21.44 -6.52 -13.67
CA TYR B 215 22.58 -6.51 -14.57
C TYR B 215 23.75 -7.32 -14.00
N ARG B 216 24.10 -7.02 -12.75
CA ARG B 216 25.19 -7.72 -12.10
C ARG B 216 24.98 -9.22 -12.19
N LEU B 217 23.75 -9.66 -11.90
CA LEU B 217 23.43 -11.08 -11.97
C LEU B 217 23.46 -11.62 -13.40
N ALA B 218 22.85 -10.89 -14.33
CA ALA B 218 22.83 -11.33 -15.72
C ALA B 218 24.26 -11.41 -16.28
N TYR B 219 25.06 -10.40 -15.95
CA TYR B 219 26.43 -10.35 -16.43
C TYR B 219 27.22 -11.54 -15.94
N LEU B 220 27.11 -11.83 -14.65
CA LEU B 220 27.84 -12.94 -14.09
C LEU B 220 27.40 -14.25 -14.73
N ARG B 221 26.14 -14.33 -15.10
CA ARG B 221 25.62 -15.53 -15.73
C ARG B 221 26.20 -15.65 -17.14
N LEU B 222 26.10 -14.55 -17.87
CA LEU B 222 26.60 -14.44 -19.24
C LEU B 222 28.06 -14.79 -19.23
N ASN B 223 28.78 -14.15 -18.32
CA ASN B 223 30.21 -14.38 -18.20
C ASN B 223 30.55 -15.86 -18.16
N THR B 224 29.81 -16.64 -17.37
CA THR B 224 30.08 -18.07 -17.28
C THR B 224 29.82 -18.82 -18.59
N LEU B 225 28.68 -18.56 -19.23
CA LEU B 225 28.36 -19.21 -20.50
C LEU B 225 29.44 -18.89 -21.49
N CYS B 226 29.90 -17.65 -21.44
CA CYS B 226 30.96 -17.22 -22.34
C CYS B 226 32.26 -17.97 -22.12
N GLU B 227 32.79 -17.91 -20.90
CA GLU B 227 34.04 -18.59 -20.58
C GLU B 227 33.93 -20.04 -21.04
N ARG B 228 32.71 -20.55 -21.02
CA ARG B 228 32.45 -21.93 -21.42
C ARG B 228 32.33 -22.16 -22.94
N LEU B 229 31.67 -21.22 -23.62
CA LEU B 229 31.44 -21.35 -25.06
C LEU B 229 32.33 -20.53 -25.99
N LEU B 230 32.80 -19.39 -25.52
CA LEU B 230 33.59 -18.50 -26.36
C LEU B 230 34.94 -18.15 -25.80
N SER B 231 35.63 -19.13 -25.24
CA SER B 231 36.94 -18.90 -24.69
C SER B 231 37.91 -18.46 -25.79
N GLU B 232 37.66 -18.90 -27.03
CA GLU B 232 38.51 -18.54 -28.17
C GLU B 232 38.22 -17.12 -28.68
N HIS B 233 37.09 -16.55 -28.25
CA HIS B 233 36.71 -15.19 -28.67
C HIS B 233 36.21 -14.37 -27.49
N PRO B 234 37.12 -14.00 -26.58
CA PRO B 234 36.82 -13.21 -25.39
C PRO B 234 36.15 -11.88 -25.73
N GLU B 235 36.26 -11.47 -26.98
CA GLU B 235 35.72 -10.19 -27.44
C GLU B 235 34.20 -10.20 -27.49
N LEU B 236 33.64 -11.37 -27.79
CA LEU B 236 32.19 -11.51 -27.90
C LEU B 236 31.42 -11.13 -26.62
N GLU B 237 31.91 -11.59 -25.47
CA GLU B 237 31.27 -11.32 -24.19
C GLU B 237 30.79 -9.88 -24.03
N HIS B 238 31.67 -8.91 -24.25
CA HIS B 238 31.25 -7.53 -24.09
C HIS B 238 30.16 -7.14 -25.10
N ILE B 239 30.19 -7.73 -26.28
CA ILE B 239 29.19 -7.35 -27.29
C ILE B 239 27.83 -7.98 -26.95
N ILE B 240 27.87 -9.22 -26.49
CA ILE B 240 26.66 -9.91 -26.12
C ILE B 240 26.04 -9.14 -24.96
N TRP B 241 26.86 -8.92 -23.93
CA TRP B 241 26.37 -8.18 -22.78
C TRP B 241 25.70 -6.87 -23.20
N THR B 242 26.29 -6.19 -24.18
CA THR B 242 25.74 -4.92 -24.65
C THR B 242 24.31 -5.08 -25.14
N LEU B 243 24.10 -6.11 -25.96
CA LEU B 243 22.78 -6.42 -26.50
C LEU B 243 21.84 -6.79 -25.36
N PHE B 244 22.31 -7.70 -24.51
CA PHE B 244 21.57 -8.20 -23.37
C PHE B 244 21.16 -7.05 -22.46
N GLN B 245 22.06 -6.09 -22.30
CA GLN B 245 21.80 -4.95 -21.43
C GLN B 245 20.79 -3.97 -22.03
N HIS B 246 20.91 -3.71 -23.33
CA HIS B 246 19.98 -2.80 -23.98
C HIS B 246 18.57 -3.36 -24.01
N THR B 247 18.45 -4.65 -24.23
CA THR B 247 17.14 -5.29 -24.30
C THR B 247 16.43 -5.12 -22.96
N LEU B 248 17.10 -5.55 -21.89
CA LEU B 248 16.58 -5.43 -20.53
C LEU B 248 16.14 -4.01 -20.24
N GLN B 249 16.90 -3.04 -20.72
CA GLN B 249 16.55 -1.66 -20.46
C GLN B 249 15.48 -1.04 -21.38
N ASN B 250 15.60 -1.24 -22.68
CA ASN B 250 14.65 -0.63 -23.61
C ASN B 250 13.63 -1.53 -24.27
N GLU B 251 13.74 -2.83 -24.06
CA GLU B 251 12.80 -3.77 -24.64
C GLU B 251 12.35 -4.69 -23.52
N TYR B 252 12.25 -4.09 -22.34
CA TYR B 252 11.86 -4.83 -21.13
C TYR B 252 10.56 -5.62 -21.27
N GLU B 253 9.69 -5.23 -22.19
CA GLU B 253 8.44 -5.96 -22.35
C GLU B 253 8.74 -7.39 -22.80
N LEU B 254 9.90 -7.57 -23.42
CA LEU B 254 10.33 -8.87 -23.89
C LEU B 254 10.46 -9.80 -22.69
N MET B 255 10.72 -9.18 -21.54
CA MET B 255 10.89 -9.87 -20.28
C MET B 255 9.57 -10.22 -19.62
N ARG B 256 8.52 -9.49 -19.98
CA ARG B 256 7.23 -9.74 -19.36
C ARG B 256 6.89 -11.21 -19.38
N ASP B 257 6.74 -11.77 -18.18
CA ASP B 257 6.40 -13.17 -18.04
C ASP B 257 7.46 -14.07 -18.65
N ARG B 258 8.64 -13.53 -18.88
CA ARG B 258 9.70 -14.37 -19.41
C ARG B 258 10.86 -14.41 -18.42
N HIS B 259 11.96 -15.08 -18.78
CA HIS B 259 13.08 -15.26 -17.88
C HIS B 259 14.38 -14.63 -18.36
N LEU B 260 15.09 -13.96 -17.44
CA LEU B 260 16.35 -13.31 -17.74
C LEU B 260 17.26 -14.13 -18.65
N ASP B 261 17.41 -15.43 -18.34
CA ASP B 261 18.28 -16.32 -19.10
C ASP B 261 17.84 -16.58 -20.54
N GLN B 262 16.56 -16.40 -20.81
CA GLN B 262 16.09 -16.62 -22.18
C GLN B 262 16.57 -15.44 -23.01
N ILE B 263 16.58 -14.25 -22.41
CA ILE B 263 17.05 -13.06 -23.11
C ILE B 263 18.56 -13.17 -23.24
N MET B 264 19.19 -13.72 -22.22
CA MET B 264 20.64 -13.92 -22.25
C MET B 264 20.96 -14.88 -23.39
N MET B 265 20.46 -16.11 -23.31
CA MET B 265 20.74 -17.10 -24.35
C MET B 265 20.44 -16.58 -25.76
N CYS B 266 19.29 -15.95 -25.94
CA CYS B 266 18.96 -15.40 -27.24
C CYS B 266 19.93 -14.28 -27.63
N SER B 267 20.41 -13.54 -26.65
CA SER B 267 21.37 -12.45 -26.92
C SER B 267 22.68 -13.08 -27.38
N MET B 268 23.04 -14.21 -26.77
CA MET B 268 24.25 -14.91 -27.14
C MET B 268 24.14 -15.37 -28.59
N TYR B 269 23.05 -16.08 -28.89
CA TYR B 269 22.81 -16.58 -30.23
C TYR B 269 22.76 -15.42 -31.22
N GLY B 270 22.12 -14.33 -30.82
CA GLY B 270 22.02 -13.19 -31.71
C GLY B 270 23.35 -12.65 -32.21
N ILE B 271 24.21 -12.26 -31.28
CA ILE B 271 25.51 -11.72 -31.64
C ILE B 271 26.39 -12.76 -32.33
N CYS B 272 26.42 -13.98 -31.78
CA CYS B 272 27.22 -15.04 -32.38
C CYS B 272 26.90 -15.22 -33.86
N LYS B 273 25.62 -15.09 -34.19
CA LYS B 273 25.16 -15.24 -35.56
C LYS B 273 25.89 -14.25 -36.46
N VAL B 274 25.70 -12.98 -36.15
CA VAL B 274 26.29 -11.92 -36.94
C VAL B 274 27.78 -11.74 -36.77
N LYS B 275 28.45 -12.73 -36.20
CA LYS B 275 29.90 -12.67 -36.00
C LYS B 275 30.56 -13.92 -36.58
N ASN B 276 29.86 -14.54 -37.52
CA ASN B 276 30.35 -15.76 -38.16
C ASN B 276 30.76 -16.83 -37.16
N ILE B 277 30.20 -16.78 -35.94
CA ILE B 277 30.52 -17.81 -34.97
C ILE B 277 29.46 -18.87 -35.09
N ASP B 278 29.85 -20.13 -35.01
CA ASP B 278 28.89 -21.22 -35.08
C ASP B 278 28.50 -21.60 -33.65
N LEU B 279 27.30 -21.22 -33.23
CA LEU B 279 26.84 -21.52 -31.89
C LEU B 279 25.37 -21.84 -31.89
N LYS B 280 25.02 -23.13 -31.93
CA LYS B 280 23.62 -23.55 -31.93
C LYS B 280 22.99 -23.46 -30.55
N PHE B 281 21.70 -23.14 -30.53
CA PHE B 281 20.97 -23.06 -29.29
C PHE B 281 21.19 -24.36 -28.50
N LYS B 282 21.21 -25.49 -29.21
CA LYS B 282 21.40 -26.79 -28.54
C LYS B 282 22.67 -26.75 -27.70
N ILE B 283 23.68 -26.09 -28.26
CA ILE B 283 24.99 -25.89 -27.64
C ILE B 283 24.88 -24.93 -26.47
N ILE B 284 24.31 -23.77 -26.74
CA ILE B 284 24.10 -22.75 -25.73
C ILE B 284 23.34 -23.34 -24.53
N VAL B 285 22.29 -24.08 -24.87
CA VAL B 285 21.39 -24.73 -23.93
C VAL B 285 22.03 -25.80 -23.05
N THR B 286 22.92 -26.59 -23.64
CA THR B 286 23.60 -27.64 -22.89
C THR B 286 24.57 -27.00 -21.91
N ALA B 287 25.07 -25.83 -22.30
CA ALA B 287 26.00 -25.10 -21.48
C ALA B 287 25.18 -24.37 -20.43
N TYR B 288 24.07 -23.78 -20.86
CA TYR B 288 23.22 -23.05 -19.95
C TYR B 288 23.02 -23.85 -18.66
N LYS B 289 22.86 -25.16 -18.81
CA LYS B 289 22.63 -26.04 -17.69
C LYS B 289 23.73 -26.07 -16.62
N ASP B 290 24.88 -25.44 -16.89
CA ASP B 290 25.97 -25.42 -15.90
C ASP B 290 25.79 -24.27 -14.93
N LEU B 291 24.73 -23.49 -15.10
CA LEU B 291 24.46 -22.34 -14.23
C LEU B 291 23.55 -22.74 -13.06
N PRO B 292 23.69 -22.03 -11.93
CA PRO B 292 22.94 -22.21 -10.68
C PRO B 292 21.42 -22.27 -10.78
N HIS B 293 20.87 -21.50 -11.70
CA HIS B 293 19.42 -21.43 -11.91
C HIS B 293 18.98 -22.34 -13.06
N ALA B 294 19.83 -23.30 -13.40
CA ALA B 294 19.60 -24.21 -14.51
C ALA B 294 18.48 -25.22 -14.47
N VAL B 295 17.45 -24.97 -15.27
CA VAL B 295 16.32 -25.88 -15.40
C VAL B 295 15.91 -25.84 -16.88
N GLN B 296 15.90 -27.03 -17.49
CA GLN B 296 15.53 -27.20 -18.91
C GLN B 296 14.25 -26.49 -19.30
N GLU B 297 13.31 -26.38 -18.36
CA GLU B 297 12.04 -25.74 -18.65
C GLU B 297 12.24 -24.32 -19.18
N THR B 298 13.29 -23.66 -18.75
CA THR B 298 13.59 -22.31 -19.19
C THR B 298 13.83 -22.17 -20.69
N PHE B 299 14.18 -23.25 -21.37
CA PHE B 299 14.40 -23.16 -22.82
C PHE B 299 13.47 -24.10 -23.59
N LYS B 300 12.65 -24.86 -22.85
CA LYS B 300 11.69 -25.76 -23.45
C LYS B 300 10.31 -25.13 -23.45
N ARG B 301 9.92 -24.52 -22.34
CA ARG B 301 8.62 -23.87 -22.22
C ARG B 301 8.87 -22.39 -22.07
N VAL B 302 8.85 -21.69 -23.22
CA VAL B 302 9.09 -20.26 -23.27
C VAL B 302 7.87 -19.54 -23.87
N LEU B 303 7.38 -18.53 -23.16
CA LEU B 303 6.24 -17.78 -23.63
C LEU B 303 6.46 -17.19 -25.01
N ILE B 304 5.57 -17.51 -25.94
CA ILE B 304 5.66 -16.98 -27.30
C ILE B 304 4.63 -15.88 -27.51
N LYS B 305 3.37 -16.27 -27.68
CA LYS B 305 2.28 -15.32 -27.89
C LYS B 305 1.09 -15.69 -27.02
N GLU B 306 0.39 -14.67 -26.51
CA GLU B 306 -0.76 -14.83 -25.64
C GLU B 306 -0.49 -15.85 -24.54
N GLU B 307 -0.92 -17.08 -24.71
CA GLU B 307 -0.65 -18.10 -23.70
C GLU B 307 -0.05 -19.35 -24.30
N GLU B 308 0.62 -19.18 -25.43
CA GLU B 308 1.27 -20.28 -26.11
C GLU B 308 2.74 -20.30 -25.70
N TYR B 309 3.27 -21.47 -25.38
CA TYR B 309 4.66 -21.59 -24.99
C TYR B 309 5.37 -22.60 -25.90
N ASP B 310 6.61 -22.29 -26.25
CA ASP B 310 7.37 -23.18 -27.11
C ASP B 310 8.85 -23.14 -26.71
N SER B 311 9.70 -23.76 -27.50
CA SER B 311 11.13 -23.77 -27.19
C SER B 311 11.72 -22.39 -27.35
N ILE B 312 12.89 -22.20 -26.75
CA ILE B 312 13.56 -20.91 -26.83
C ILE B 312 13.89 -20.64 -28.30
N ILE B 313 13.93 -21.69 -29.11
CA ILE B 313 14.21 -21.54 -30.53
C ILE B 313 13.07 -20.77 -31.15
N VAL B 314 11.85 -21.24 -30.87
CA VAL B 314 10.65 -20.63 -31.41
C VAL B 314 10.48 -19.22 -30.88
N PHE B 315 10.81 -19.04 -29.61
CA PHE B 315 10.73 -17.70 -29.01
C PHE B 315 11.72 -16.76 -29.67
N TYR B 316 12.91 -17.26 -29.97
CA TYR B 316 13.93 -16.47 -30.61
C TYR B 316 13.46 -16.09 -32.02
N ASN B 317 13.11 -17.11 -32.80
CA ASN B 317 12.66 -16.90 -34.18
C ASN B 317 11.49 -15.98 -34.37
N SER B 318 10.42 -16.23 -33.61
CA SER B 318 9.20 -15.42 -33.77
C SER B 318 8.95 -14.24 -32.85
N VAL B 319 9.71 -14.12 -31.77
CA VAL B 319 9.48 -13.01 -30.84
C VAL B 319 10.74 -12.19 -30.63
N PHE B 320 11.75 -12.82 -30.06
CA PHE B 320 12.99 -12.11 -29.78
C PHE B 320 13.58 -11.48 -31.03
N MET B 321 13.87 -12.30 -32.03
CA MET B 321 14.46 -11.81 -33.25
C MET B 321 13.58 -10.89 -34.09
N GLN B 322 12.27 -11.12 -34.11
CA GLN B 322 11.37 -10.26 -34.89
C GLN B 322 11.35 -8.86 -34.34
N ARG B 323 11.53 -8.74 -33.03
CA ARG B 323 11.51 -7.42 -32.42
C ARG B 323 12.89 -6.77 -32.41
N LEU B 324 13.94 -7.58 -32.27
CA LEU B 324 15.27 -7.03 -32.19
C LEU B 324 16.10 -7.14 -33.45
N LYS B 325 15.52 -7.77 -34.48
CA LYS B 325 16.17 -7.96 -35.78
C LYS B 325 17.11 -6.83 -36.18
N THR B 326 16.61 -5.61 -36.10
CA THR B 326 17.38 -4.43 -36.46
C THR B 326 18.54 -4.17 -35.48
N ASN B 327 18.26 -4.25 -34.19
CA ASN B 327 19.29 -4.03 -33.17
C ASN B 327 20.40 -5.03 -33.38
N ILE B 328 20.03 -6.30 -33.48
CA ILE B 328 21.01 -7.37 -33.67
C ILE B 328 21.96 -7.11 -34.85
N LEU B 329 21.42 -6.62 -35.96
CA LEU B 329 22.22 -6.35 -37.15
C LEU B 329 23.14 -5.15 -37.02
N GLN B 330 22.76 -4.15 -36.22
CA GLN B 330 23.61 -2.98 -36.02
C GLN B 330 25.00 -3.40 -35.51
N TYR B 331 25.04 -4.49 -34.74
CA TYR B 331 26.30 -4.97 -34.20
C TYR B 331 27.25 -5.49 -35.27
N ALA B 332 26.71 -5.81 -36.44
CA ALA B 332 27.51 -6.31 -37.55
C ALA B 332 27.70 -5.20 -38.58
N SER B 333 27.40 -3.97 -38.17
CA SER B 333 27.49 -2.83 -39.07
C SER B 333 28.53 -1.77 -38.68
N THR B 334 28.51 -0.70 -39.45
CA THR B 334 29.41 0.44 -39.29
C THR B 334 29.16 1.29 -38.03
N ARG B 335 27.94 1.26 -37.52
CA ARG B 335 27.61 2.04 -36.32
C ARG B 335 26.98 1.16 -35.25
N PRO B 336 27.74 0.20 -34.74
CA PRO B 336 27.17 -0.67 -33.69
C PRO B 336 26.94 0.14 -32.42
N PRO B 337 26.02 -0.33 -31.56
CA PRO B 337 25.70 0.35 -30.29
C PRO B 337 26.94 0.48 -29.42
N THR B 338 27.15 1.65 -28.82
CA THR B 338 28.30 1.81 -27.94
C THR B 338 28.25 0.71 -26.89
N LEU B 339 29.39 0.15 -26.53
CA LEU B 339 29.43 -0.93 -25.55
C LEU B 339 28.84 -0.51 -24.19
N SER B 340 28.05 -1.39 -23.61
CA SER B 340 27.41 -1.10 -22.33
C SER B 340 28.43 -1.27 -21.22
N PRO B 341 28.46 -0.35 -20.26
CA PRO B 341 29.44 -0.56 -19.21
C PRO B 341 29.17 -1.91 -18.54
N ILE B 342 30.25 -2.55 -18.12
CA ILE B 342 30.17 -3.82 -17.43
C ILE B 342 29.84 -3.54 -15.96
N PRO B 343 28.95 -4.35 -15.36
CA PRO B 343 28.53 -4.21 -13.95
C PRO B 343 29.71 -4.60 -13.06
N HIS B 344 30.17 -3.67 -12.23
CA HIS B 344 31.30 -3.85 -11.34
C HIS B 344 31.71 -5.21 -10.77
N ILE B 345 33.01 -5.29 -10.47
CA ILE B 345 33.73 -6.44 -9.90
C ILE B 345 33.67 -7.75 -10.71
N ASP C 1 -29.93 18.34 2.44
CA ASP C 1 -28.95 17.63 3.34
C ASP C 1 -27.63 18.42 3.45
N ASP C 2 -26.98 18.34 4.60
CA ASP C 2 -25.74 19.06 4.85
C ASP C 2 -24.48 18.59 4.09
N TYR C 3 -24.51 17.40 3.51
CA TYR C 3 -23.36 16.85 2.80
C TYR C 3 -22.74 17.75 1.73
N LEU C 4 -21.41 17.82 1.75
CA LEU C 4 -20.68 18.63 0.80
C LEU C 4 -20.05 17.78 -0.29
N TRP C 5 -20.58 17.91 -1.50
CA TRP C 5 -20.02 17.19 -2.64
C TRP C 5 -18.76 18.00 -2.96
N GLY C 6 -17.63 17.53 -2.43
CA GLY C 6 -16.38 18.23 -2.60
C GLY C 6 -15.60 18.09 -3.89
N LEU C 7 -15.81 17.02 -4.65
CA LEU C 7 -15.07 16.84 -5.89
C LEU C 7 -15.47 17.88 -6.91
N GLU C 8 -14.51 18.71 -7.32
CA GLU C 8 -14.78 19.74 -8.31
C GLU C 8 -15.10 19.06 -9.64
N ALA C 9 -15.48 19.83 -10.65
CA ALA C 9 -15.81 19.23 -11.94
C ALA C 9 -14.71 18.29 -12.40
N GLY C 10 -15.12 17.10 -12.83
CA GLY C 10 -14.15 16.13 -13.29
C GLY C 10 -12.95 15.86 -12.39
N GLU C 11 -13.18 15.34 -11.18
CA GLU C 11 -12.06 15.03 -10.29
C GLU C 11 -11.92 13.52 -10.03
N GLY C 12 -13.02 12.79 -10.10
CA GLY C 12 -12.95 11.34 -9.90
C GLY C 12 -12.10 10.73 -8.79
N ILE C 13 -12.42 9.49 -8.47
CA ILE C 13 -11.73 8.74 -7.44
C ILE C 13 -10.22 8.59 -7.70
N SER C 14 -9.83 8.55 -8.98
CA SER C 14 -8.43 8.39 -9.36
C SER C 14 -7.54 9.49 -8.87
N ASP C 15 -8.12 10.66 -8.62
CA ASP C 15 -7.35 11.77 -8.15
C ASP C 15 -7.22 11.74 -6.64
N LEU C 16 -7.63 10.62 -6.04
CA LEU C 16 -7.56 10.49 -4.58
C LEU C 16 -6.65 9.36 -4.12
N PHE C 17 -6.34 8.47 -5.05
CA PHE C 17 -5.46 7.35 -4.79
C PHE C 17 -4.35 7.34 -5.85
N ASP C 18 -3.15 6.94 -5.43
CA ASP C 18 -1.97 6.88 -6.31
C ASP C 18 -1.98 5.68 -7.25
N ASP D 1 30.48 -16.97 -3.76
CA ASP D 1 29.28 -16.09 -3.62
C ASP D 1 29.01 -15.34 -4.91
N ASP D 2 27.73 -15.08 -5.17
CA ASP D 2 27.36 -14.34 -6.36
C ASP D 2 26.21 -13.36 -6.09
N TYR D 3 26.35 -12.59 -5.01
CA TYR D 3 25.36 -11.59 -4.62
C TYR D 3 25.93 -10.17 -4.52
N LEU D 4 25.39 -9.26 -5.31
CA LEU D 4 25.84 -7.87 -5.31
C LEU D 4 25.13 -7.05 -4.25
N TRP D 5 25.90 -6.46 -3.35
CA TRP D 5 25.30 -5.60 -2.34
C TRP D 5 25.21 -4.25 -3.03
N GLY D 6 24.10 -4.02 -3.72
CA GLY D 6 23.88 -2.79 -4.45
C GLY D 6 23.58 -1.57 -3.61
N LEU D 7 23.43 -1.77 -2.30
CA LEU D 7 23.15 -0.66 -1.40
C LEU D 7 24.45 0.04 -1.05
N GLU D 8 24.80 1.05 -1.84
CA GLU D 8 26.01 1.82 -1.60
C GLU D 8 25.96 2.43 -0.22
N ALA D 9 26.94 3.25 0.11
CA ALA D 9 26.96 3.89 1.41
C ALA D 9 25.74 4.79 1.51
N GLY D 10 25.30 5.05 2.74
CA GLY D 10 24.16 5.91 2.97
C GLY D 10 22.97 5.66 2.07
N GLU D 11 22.35 4.49 2.19
CA GLU D 11 21.18 4.17 1.38
C GLU D 11 20.14 3.43 2.20
N GLY D 12 20.57 2.38 2.89
CA GLY D 12 19.65 1.62 3.73
C GLY D 12 18.23 1.41 3.26
N ILE D 13 17.47 0.70 4.07
CA ILE D 13 16.08 0.36 3.79
C ILE D 13 15.13 1.53 3.55
N SER D 14 15.35 2.67 4.22
CA SER D 14 14.48 3.84 4.08
C SER D 14 14.42 4.43 2.69
N ASP D 15 15.42 4.13 1.86
CA ASP D 15 15.46 4.64 0.51
C ASP D 15 14.67 3.74 -0.43
N LEU D 16 14.30 2.57 0.09
CA LEU D 16 13.57 1.59 -0.68
C LEU D 16 12.05 1.58 -0.49
N PHE D 17 11.56 2.24 0.56
CA PHE D 17 10.12 2.28 0.81
C PHE D 17 9.56 3.66 1.05
N ASP D 18 8.58 4.03 0.24
CA ASP D 18 7.92 5.33 0.32
C ASP D 18 7.27 5.45 1.68
N ASP E 1 25.87 -0.14 -41.27
CA ASP E 1 24.48 -0.28 -41.80
C ASP E 1 24.16 -1.74 -42.09
N ASP E 2 24.72 -2.20 -43.21
CA ASP E 2 24.57 -3.55 -43.76
C ASP E 2 24.71 -4.81 -42.91
N TYR E 3 24.92 -5.88 -43.67
CA TYR E 3 25.14 -7.24 -43.22
C TYR E 3 24.03 -8.23 -43.52
N LEU E 4 24.43 -9.22 -44.32
CA LEU E 4 23.57 -10.25 -44.86
C LEU E 4 23.22 -11.50 -44.09
N TRP E 5 23.56 -11.56 -42.81
CA TRP E 5 23.20 -12.77 -42.08
C TRP E 5 21.71 -12.99 -42.01
N GLY E 6 21.35 -14.26 -42.06
CA GLY E 6 19.97 -14.67 -41.91
C GLY E 6 19.96 -15.00 -40.42
N LEU E 7 19.21 -14.23 -39.63
CA LEU E 7 19.16 -14.40 -38.18
C LEU E 7 18.39 -15.62 -37.70
N GLU E 8 17.51 -16.15 -38.54
CA GLU E 8 16.72 -17.32 -38.17
C GLU E 8 17.61 -18.43 -37.63
N ALA E 9 17.19 -19.00 -36.51
CA ALA E 9 17.93 -20.07 -35.84
C ALA E 9 18.37 -21.19 -36.78
N GLY E 10 17.40 -21.96 -37.27
CA GLY E 10 17.73 -23.05 -38.16
C GLY E 10 17.01 -24.35 -37.85
N GLU E 11 16.09 -24.69 -38.73
CA GLU E 11 15.27 -25.90 -38.65
C GLU E 11 13.93 -25.75 -37.92
N GLY E 12 13.12 -26.81 -37.99
CA GLY E 12 11.82 -26.84 -37.34
C GLY E 12 11.32 -28.27 -37.24
#